data_1JMO
#
_entry.id   1JMO
#
_cell.length_a   152.310
_cell.length_b   152.310
_cell.length_c   126.800
_cell.angle_alpha   90.00
_cell.angle_beta   90.00
_cell.angle_gamma   120.00
#
_symmetry.space_group_name_H-M   'P 61'
#
loop_
_entity.id
_entity.type
_entity.pdbx_description
1 polymer 'Thrombin, light chain'
2 polymer 'Thrombin, heavy chain'
3 polymer 'HEPARIN COFACTOR II'
4 branched 2-acetamido-2-deoxy-beta-D-glucopyranose-(1-4)-2-acetamido-2-deoxy-beta-D-glucopyranose
5 non-polymer 'SODIUM ION'
6 non-polymer (4S)-2-METHYL-2,4-PENTANEDIOL
7 non-polymer 2-acetamido-2-deoxy-beta-D-glucopyranose
8 water water
#
loop_
_entity_poly.entity_id
_entity_poly.type
_entity_poly.pdbx_seq_one_letter_code
_entity_poly.pdbx_strand_id
1 'polypeptide(L)' TATSEYQTFFNPRTFGSGEADCGLRPLFEKKSLEDKTERELLESYIDG L
2 'polypeptide(L)'
;RIVEGSDAEIGMSPWQVMLFRKSPQELLCGASLISDRWVLTAAHCLLYPPWDKNFTENDLLVRIGKHSRTRYERNIEKIS
MLEKIYIHPRYNWRENLDRDIALMKLKKPVAFSDYIHPVCLPDRETAASLLQAGYKGRVTGWGNLKETWTANVGKGQPSV
LQVVNLPIVERPVCKDSTRIRITDNMFCAGYKPDEGKRGDACEGDAGGPFVMKSPFNNRWYQMGIVSWGEGCDRDGKYGF
YTHVFRLKKWIQKVIDQFGE
;
H
3 'polypeptide(L)'
;GSKGPLDQLEKGGETAQSADPQWEQLNNKNLSMPLLPADFHKENTVTNDWIPEGEEDDD(TYS)LDLEKIFSEDDD
(TYS)IDIVDSLSVSPTDSDVSAGNILQLFHGKSRIQRLNILNAKFAFNLYRVLKDQVNTFDNIFIAPVGISTAMGMISL
GLKGETHEQVHSILHFKDFVNASSKYEITTIHNLFRKLTHRLFRRNFGYTLRSVNDLYIQKQFPILLDFKTKVREYYFAE
AQIADFSDPAFISKTNNHIMKLTKGLIKDALENIDPATQMMILNCIYFKGSWVNKFPVEMTHNHNFRLNEREVVKVSMMQ
TKGNFLAANDQELDCDILQLEYVGGISMLIVVPHKMSGMKTLEAQLTPRVVERWQKSMTNRTREVLLPKFKLEKNYNLVE
SLKLMGIRMLFDKNGNMAGISDQRIAIDLFKHQGTITVNEEGTQATTVTTVGFMPLSTQVRFTVDRPFLFLIYEHRTSCL
LFMGRVANPSRS
;
A
#
loop_
_chem_comp.id
_chem_comp.type
_chem_comp.name
_chem_comp.formula
MPD non-polymer (4S)-2-METHYL-2,4-PENTANEDIOL 'C6 H14 O2'
NA non-polymer 'SODIUM ION' 'Na 1'
NAG D-saccharide, beta linking 2-acetamido-2-deoxy-beta-D-glucopyranose 'C8 H15 N O6'
#
# COMPACT_ATOMS: atom_id res chain seq x y z
N ALA A 2 10.13 -52.01 18.31
CA ALA A 2 10.96 -51.03 19.09
C ALA A 2 10.18 -49.76 19.41
N THR A 3 10.51 -49.14 20.54
CA THR A 3 9.84 -47.92 20.97
C THR A 3 10.46 -46.67 20.35
N SER A 4 11.67 -46.82 19.83
CA SER A 4 12.38 -45.71 19.21
C SER A 4 12.01 -45.57 17.73
N GLU A 5 11.13 -46.44 17.25
CA GLU A 5 10.71 -46.39 15.85
C GLU A 5 9.41 -45.57 15.71
N TYR A 6 9.36 -44.71 14.71
CA TYR A 6 8.19 -43.88 14.47
C TYR A 6 7.01 -44.68 13.90
N GLN A 7 5.82 -44.38 14.39
CA GLN A 7 4.59 -45.05 13.95
C GLN A 7 3.74 -44.01 13.23
N THR A 8 3.37 -44.29 11.97
CA THR A 8 2.56 -43.33 11.22
C THR A 8 1.11 -43.30 11.71
N PHE A 9 0.49 -42.14 11.60
CA PHE A 9 -0.87 -41.94 12.07
C PHE A 9 -1.87 -41.60 10.98
N PHE A 10 -1.39 -40.98 9.90
CA PHE A 10 -2.27 -40.57 8.81
C PHE A 10 -2.21 -41.54 7.63
N ASN A 11 -3.13 -41.35 6.69
CA ASN A 11 -3.23 -42.18 5.49
C ASN A 11 -2.57 -41.43 4.33
N PRO A 12 -1.41 -41.90 3.86
CA PRO A 12 -0.74 -41.21 2.75
C PRO A 12 -1.61 -40.86 1.54
N ARG A 13 -2.73 -41.54 1.37
CA ARG A 13 -3.61 -41.28 0.23
C ARG A 13 -4.23 -39.88 0.31
N THR A 14 -4.45 -39.38 1.52
CA THR A 14 -5.03 -38.06 1.73
C THR A 14 -4.04 -37.08 2.38
N PHE A 15 -3.07 -37.62 3.11
CA PHE A 15 -2.08 -36.82 3.81
C PHE A 15 -0.92 -36.45 2.89
N GLY A 16 -0.73 -37.25 1.84
CA GLY A 16 0.38 -37.01 0.93
C GLY A 16 1.56 -37.79 1.49
N SER A 17 2.73 -37.69 0.87
CA SER A 17 3.88 -38.43 1.36
C SER A 17 4.65 -37.65 2.42
N GLY A 18 5.56 -38.33 3.12
CA GLY A 18 6.37 -37.64 4.11
C GLY A 18 6.27 -37.96 5.58
N GLU A 19 5.16 -38.54 6.04
CA GLU A 19 5.04 -38.82 7.47
C GLU A 19 6.06 -39.81 8.02
N ALA A 20 6.30 -40.89 7.29
CA ALA A 20 7.23 -41.90 7.76
C ALA A 20 8.61 -41.35 8.10
N ASP A 21 9.07 -40.37 7.33
CA ASP A 21 10.39 -39.81 7.55
C ASP A 21 10.36 -38.42 8.20
N CYS A 22 9.22 -38.05 8.80
CA CYS A 22 9.06 -36.74 9.43
C CYS A 22 10.01 -36.46 10.59
N GLY A 23 10.27 -35.17 10.82
CA GLY A 23 11.11 -34.76 11.93
C GLY A 23 12.59 -35.08 11.91
N LEU A 24 13.09 -35.58 10.78
CA LEU A 24 14.50 -35.91 10.65
C LEU A 24 15.09 -34.98 9.60
N ARG A 25 15.94 -34.05 10.04
CA ARG A 25 16.54 -33.07 9.14
C ARG A 25 17.69 -33.56 8.28
N PRO A 26 17.57 -33.37 6.96
CA PRO A 26 18.63 -33.79 6.03
C PRO A 26 20.02 -33.27 6.43
N LEU A 27 20.13 -32.00 6.80
CA LEU A 27 21.44 -31.45 7.13
C LEU A 27 21.88 -31.62 8.59
N PHE A 28 21.10 -32.35 9.36
CA PHE A 28 21.45 -32.58 10.75
C PHE A 28 21.34 -34.06 11.15
N GLU A 29 20.16 -34.51 11.57
CA GLU A 29 20.04 -35.91 11.97
C GLU A 29 20.57 -36.87 10.91
N LYS A 30 20.20 -36.67 9.65
CA LYS A 30 20.63 -37.55 8.55
C LYS A 30 22.16 -37.59 8.35
N LYS A 31 22.84 -36.53 8.75
CA LYS A 31 24.29 -36.44 8.61
C LYS A 31 24.99 -36.64 9.96
N SER A 32 24.23 -37.06 10.97
CA SER A 32 24.81 -37.26 12.28
C SER A 32 25.42 -35.97 12.82
N LEU A 33 24.76 -34.85 12.55
CA LEU A 33 25.22 -33.54 13.05
C LEU A 33 24.13 -32.95 13.95
N GLU A 34 24.53 -32.26 15.01
CA GLU A 34 23.57 -31.64 15.92
C GLU A 34 23.66 -30.12 15.73
N ASP A 35 22.53 -29.41 15.84
CA ASP A 35 22.57 -27.97 15.66
C ASP A 35 23.14 -27.35 16.94
N LYS A 36 23.49 -26.07 16.89
CA LYS A 36 24.12 -25.47 18.06
C LYS A 36 23.33 -25.27 19.34
N THR A 37 22.03 -25.56 19.35
CA THR A 37 21.30 -25.36 20.59
C THR A 37 20.32 -26.47 20.95
N GLU A 38 20.29 -27.55 20.18
CA GLU A 38 19.36 -28.65 20.48
C GLU A 38 19.71 -29.34 21.79
N ARG A 39 20.99 -29.34 22.13
CA ARG A 39 21.46 -29.94 23.36
C ARG A 39 20.78 -29.31 24.57
N GLU A 40 20.55 -28.00 24.50
CA GLU A 40 19.89 -27.28 25.57
C GLU A 40 18.48 -27.82 25.78
N LEU A 41 17.85 -28.26 24.70
CA LEU A 41 16.50 -28.82 24.82
C LEU A 41 16.60 -30.17 25.51
N LEU A 42 17.54 -31.00 25.06
CA LEU A 42 17.73 -32.32 25.66
C LEU A 42 18.00 -32.21 27.17
N GLU A 43 18.84 -31.24 27.55
CA GLU A 43 19.18 -31.05 28.95
C GLU A 43 18.00 -30.62 29.81
N SER A 44 17.01 -29.97 29.21
CA SER A 44 15.86 -29.52 29.98
C SER A 44 14.94 -30.69 30.23
N TYR A 45 14.92 -31.65 29.29
CA TYR A 45 14.06 -32.80 29.47
C TYR A 45 14.62 -33.61 30.59
N ILE A 46 15.78 -33.18 31.11
CA ILE A 46 16.37 -33.91 32.21
C ILE A 46 15.38 -33.92 33.36
N ASP A 47 14.45 -34.84 33.13
CA ASP A 47 13.30 -35.28 33.92
C ASP A 47 12.28 -34.48 34.68
N GLY A 48 11.18 -35.21 34.94
CA GLY A 48 10.04 -34.71 35.68
C GLY A 48 9.10 -35.88 35.86
N ILE B 2 11.08 -12.79 16.29
CA ILE B 2 11.64 -13.41 17.49
C ILE B 2 12.52 -12.42 18.27
N VAL B 3 12.24 -12.26 19.56
CA VAL B 3 13.01 -11.36 20.41
C VAL B 3 14.06 -12.16 21.19
N GLU B 4 15.28 -11.62 21.26
CA GLU B 4 16.35 -12.27 22.02
C GLU B 4 16.70 -13.67 21.55
N GLY B 5 16.61 -13.91 20.25
CA GLY B 5 16.96 -15.21 19.72
C GLY B 5 18.25 -15.05 18.96
N SER B 6 18.54 -15.98 18.06
CA SER B 6 19.75 -15.89 17.25
C SER B 6 19.48 -16.43 15.86
N ASP B 7 20.42 -16.23 14.95
CA ASP B 7 20.28 -16.70 13.59
C ASP B 7 20.21 -18.21 13.54
N ALA B 8 19.26 -18.73 12.79
CA ALA B 8 19.14 -20.18 12.64
C ALA B 8 20.24 -20.62 11.69
N GLU B 9 20.59 -21.90 11.73
CA GLU B 9 21.60 -22.41 10.81
C GLU B 9 20.82 -22.86 9.57
N ILE B 10 21.51 -23.02 8.46
CA ILE B 10 20.87 -23.47 7.23
C ILE B 10 20.25 -24.85 7.42
N GLY B 11 18.99 -25.01 7.04
CA GLY B 11 18.33 -26.29 7.18
C GLY B 11 18.01 -26.71 8.59
N MET B 12 18.08 -25.76 9.52
CA MET B 12 17.82 -26.05 10.93
C MET B 12 16.34 -26.28 11.21
N SER B 13 15.49 -25.65 10.42
CA SER B 13 14.03 -25.76 10.56
C SER B 13 13.47 -25.85 9.13
N PRO B 14 13.70 -27.00 8.47
CA PRO B 14 13.25 -27.28 7.09
C PRO B 14 11.74 -27.34 6.88
N TRP B 15 11.00 -27.35 7.98
CA TRP B 15 9.54 -27.39 7.91
C TRP B 15 8.96 -25.97 8.04
N GLN B 16 9.84 -24.98 8.16
CA GLN B 16 9.43 -23.59 8.31
C GLN B 16 8.78 -23.07 7.04
N VAL B 17 7.59 -22.49 7.17
CA VAL B 17 6.90 -21.95 6.00
C VAL B 17 6.59 -20.47 6.23
N MET B 18 6.72 -19.68 5.17
CA MET B 18 6.45 -18.26 5.22
C MET B 18 5.11 -18.01 4.53
N LEU B 19 4.16 -17.41 5.23
CA LEU B 19 2.85 -17.13 4.64
C LEU B 19 2.99 -15.76 3.99
N PHE B 20 2.61 -15.65 2.72
CA PHE B 20 2.76 -14.42 1.97
C PHE B 20 1.47 -13.91 1.34
N ARG B 21 1.29 -12.58 1.30
CA ARG B 21 0.12 -12.02 0.64
C ARG B 21 0.54 -12.08 -0.82
N LYS B 22 -0.34 -12.55 -1.69
CA LYS B 22 0.02 -12.66 -3.10
C LYS B 22 0.19 -11.31 -3.78
N SER B 23 -0.79 -10.43 -3.62
CA SER B 23 -0.73 -9.12 -4.27
C SER B 23 -1.46 -8.04 -3.46
N PRO B 24 -0.74 -7.03 -2.95
CA PRO B 24 0.71 -6.83 -3.07
C PRO B 24 1.48 -7.83 -2.20
N GLN B 25 2.73 -8.07 -2.56
CA GLN B 25 3.58 -9.01 -1.87
C GLN B 25 4.11 -8.55 -0.52
N GLU B 26 3.82 -9.32 0.53
CA GLU B 26 4.30 -9.00 1.87
C GLU B 26 4.20 -10.20 2.82
N LEU B 27 5.14 -10.31 3.74
CA LEU B 27 5.14 -11.38 4.72
C LEU B 27 3.98 -11.19 5.67
N LEU B 28 3.21 -12.25 5.91
CA LEU B 28 2.05 -12.18 6.79
C LEU B 28 2.19 -12.95 8.11
N CYS B 29 2.75 -14.16 8.02
CA CYS B 29 2.88 -15.04 9.19
C CYS B 29 3.84 -16.15 8.92
N GLY B 30 3.96 -17.01 9.91
CA GLY B 30 4.76 -18.21 9.80
C GLY B 30 3.78 -19.36 9.64
N ALA B 31 4.30 -20.55 9.40
CA ALA B 31 3.48 -21.74 9.23
C ALA B 31 4.46 -22.89 9.21
N SER B 32 3.97 -24.11 9.10
CA SER B 32 4.86 -25.27 9.09
C SER B 32 4.40 -26.35 8.13
N LEU B 33 5.36 -27.10 7.61
CA LEU B 33 5.08 -28.17 6.66
C LEU B 33 4.91 -29.50 7.39
N ILE B 34 3.76 -30.15 7.19
CA ILE B 34 3.55 -31.44 7.85
C ILE B 34 3.51 -32.63 6.90
N SER B 35 3.54 -32.38 5.59
CA SER B 35 3.56 -33.44 4.58
C SER B 35 3.90 -32.75 3.27
N ASP B 36 3.83 -33.47 2.15
CA ASP B 36 4.15 -32.83 0.88
C ASP B 36 3.01 -31.96 0.35
N ARG B 37 1.89 -31.92 1.06
CA ARG B 37 0.78 -31.12 0.56
C ARG B 37 -0.01 -30.35 1.62
N TRP B 38 0.32 -30.52 2.90
CA TRP B 38 -0.38 -29.81 3.95
C TRP B 38 0.50 -28.90 4.78
N VAL B 39 -0.02 -27.72 5.07
CA VAL B 39 0.68 -26.71 5.86
C VAL B 39 -0.22 -26.33 7.03
N LEU B 40 0.39 -26.11 8.18
CA LEU B 40 -0.35 -25.77 9.38
C LEU B 40 -0.02 -24.33 9.78
N THR B 41 -1.02 -23.58 10.22
CA THR B 41 -0.78 -22.21 10.65
C THR B 41 -1.83 -21.79 11.68
N ALA B 42 -1.75 -20.55 12.15
CA ALA B 42 -2.69 -20.03 13.11
C ALA B 42 -3.91 -19.55 12.34
N ALA B 43 -5.09 -19.78 12.91
CA ALA B 43 -6.33 -19.36 12.26
C ALA B 43 -6.43 -17.83 12.12
N HIS B 44 -5.93 -17.10 13.12
CA HIS B 44 -6.04 -15.66 13.04
C HIS B 44 -5.13 -15.03 11.98
N CYS B 45 -4.28 -15.84 11.36
CA CYS B 45 -3.42 -15.33 10.29
C CYS B 45 -4.24 -15.23 9.01
N LEU B 46 -5.37 -15.91 9.01
CA LEU B 46 -6.22 -15.95 7.84
C LEU B 46 -7.55 -15.26 8.06
N LEU B 47 -8.06 -15.36 9.28
CA LEU B 47 -9.34 -14.78 9.64
C LEU B 47 -9.32 -14.09 11.00
N TYR B 48 -9.46 -12.78 10.97
CA TYR B 48 -9.48 -11.97 12.18
C TYR B 48 -10.20 -10.65 11.86
N PRO B 49 -11.54 -10.65 11.96
CA PRO B 49 -12.38 -9.47 11.69
C PRO B 49 -11.89 -8.16 12.30
N PRO B 50 -11.55 -8.15 13.61
CA PRO B 50 -11.08 -6.92 14.23
C PRO B 50 -10.05 -6.17 13.39
N TRP B 51 -9.32 -6.89 12.54
CA TRP B 51 -8.33 -6.27 11.66
C TRP B 51 -8.73 -6.40 10.20
N ASP B 52 -9.99 -6.74 9.96
CA ASP B 52 -10.48 -6.90 8.60
C ASP B 52 -9.70 -7.91 7.78
N LYS B 53 -9.25 -8.99 8.42
CA LYS B 53 -8.53 -10.05 7.73
C LYS B 53 -9.51 -11.18 7.48
N ASN B 54 -9.61 -11.62 6.23
CA ASN B 54 -10.52 -12.69 5.87
C ASN B 54 -10.10 -13.24 4.51
N PHE B 55 -8.86 -13.72 4.45
CA PHE B 55 -8.26 -14.26 3.23
C PHE B 55 -8.91 -15.52 2.68
N THR B 56 -8.67 -15.77 1.41
CA THR B 56 -9.16 -16.95 0.74
C THR B 56 -7.92 -17.55 0.10
N GLU B 57 -8.05 -18.76 -0.42
CA GLU B 57 -6.95 -19.45 -1.06
C GLU B 57 -6.21 -18.59 -2.08
N ASN B 58 -6.96 -17.82 -2.87
CA ASN B 58 -6.34 -17.01 -3.92
C ASN B 58 -5.59 -15.75 -3.51
N ASP B 59 -5.71 -15.34 -2.25
CA ASP B 59 -5.00 -14.15 -1.81
C ASP B 59 -3.62 -14.49 -1.27
N LEU B 60 -3.35 -15.78 -1.11
CA LEU B 60 -2.08 -16.21 -0.52
C LEU B 60 -1.10 -17.02 -1.34
N LEU B 61 0.10 -17.14 -0.77
CA LEU B 61 1.21 -17.88 -1.31
C LEU B 61 2.03 -18.37 -0.11
N VAL B 62 2.73 -19.50 -0.26
CA VAL B 62 3.60 -19.95 0.81
C VAL B 62 4.98 -20.07 0.19
N ARG B 63 6.00 -19.75 0.97
CA ARG B 63 7.37 -19.84 0.53
C ARG B 63 8.01 -20.82 1.50
N ILE B 64 8.45 -21.94 0.95
CA ILE B 64 9.03 -23.03 1.72
C ILE B 64 10.52 -23.16 1.44
N GLY B 65 11.28 -23.59 2.44
CA GLY B 65 12.71 -23.78 2.30
C GLY B 65 13.55 -22.53 2.43
N LYS B 66 13.00 -21.47 3.01
CA LYS B 66 13.74 -20.21 3.13
C LYS B 66 14.67 -20.05 4.33
N HIS B 67 15.61 -19.12 4.19
CA HIS B 67 16.54 -18.78 5.24
C HIS B 67 16.52 -17.26 5.32
N SER B 68 16.89 -16.61 4.23
CA SER B 68 16.88 -15.15 4.17
C SER B 68 15.43 -14.68 4.21
N ARG B 69 15.18 -13.56 4.88
CA ARG B 69 13.84 -13.04 5.00
C ARG B 69 13.27 -12.42 3.73
N THR B 70 14.11 -11.69 3.00
CA THR B 70 13.67 -10.98 1.80
C THR B 70 14.26 -11.42 0.45
N ARG B 71 15.39 -12.10 0.47
CA ARG B 71 15.99 -12.54 -0.78
C ARG B 71 15.21 -13.68 -1.42
N TYR B 72 15.11 -13.65 -2.75
CA TYR B 72 14.45 -14.74 -3.47
C TYR B 72 15.54 -15.79 -3.62
N GLU B 73 15.43 -16.89 -2.86
CA GLU B 73 16.44 -17.92 -2.87
C GLU B 73 16.28 -18.97 -3.98
N ARG B 74 16.65 -18.57 -5.20
CA ARG B 74 16.62 -19.41 -6.40
C ARG B 74 17.06 -20.85 -6.20
N ASN B 75 16.29 -21.78 -6.74
CA ASN B 75 16.64 -23.20 -6.66
C ASN B 75 16.85 -23.75 -5.27
N ILE B 76 16.37 -23.04 -4.27
CA ILE B 76 16.47 -23.49 -2.89
C ILE B 76 15.08 -23.42 -2.29
N GLU B 77 14.46 -22.24 -2.36
CA GLU B 77 13.12 -22.10 -1.81
C GLU B 77 12.13 -22.52 -2.88
N LYS B 78 10.92 -22.85 -2.44
CA LYS B 78 9.87 -23.27 -3.32
C LYS B 78 8.65 -22.41 -3.00
N ILE B 79 8.09 -21.79 -4.04
CA ILE B 79 6.92 -20.94 -3.88
C ILE B 79 5.69 -21.69 -4.36
N SER B 80 4.66 -21.76 -3.53
CA SER B 80 3.47 -22.50 -3.90
C SER B 80 2.17 -21.74 -3.69
N MET B 81 1.18 -22.08 -4.50
CA MET B 81 -0.15 -21.47 -4.34
C MET B 81 -0.95 -22.43 -3.49
N LEU B 82 -2.11 -22.00 -3.05
CA LEU B 82 -2.96 -22.83 -2.21
C LEU B 82 -4.24 -23.26 -2.91
N GLU B 83 -4.64 -24.50 -2.69
CA GLU B 83 -5.85 -25.04 -3.25
C GLU B 83 -7.02 -24.65 -2.36
N LYS B 84 -6.86 -24.84 -1.05
CA LYS B 84 -7.91 -24.52 -0.11
C LYS B 84 -7.41 -24.21 1.29
N ILE B 85 -8.21 -23.43 2.02
CA ILE B 85 -7.91 -23.02 3.38
C ILE B 85 -8.99 -23.60 4.29
N TYR B 86 -8.59 -24.09 5.47
CA TYR B 86 -9.53 -24.68 6.43
C TYR B 86 -9.25 -24.15 7.84
N ILE B 87 -10.23 -23.47 8.40
CA ILE B 87 -10.11 -22.90 9.75
C ILE B 87 -10.93 -23.72 10.72
N HIS B 88 -10.45 -23.88 11.94
CA HIS B 88 -11.20 -24.66 12.92
C HIS B 88 -12.59 -24.04 13.13
N PRO B 89 -13.65 -24.82 12.92
CA PRO B 89 -15.03 -24.34 13.10
C PRO B 89 -15.33 -23.72 14.46
N ARG B 90 -14.56 -24.08 15.48
CA ARG B 90 -14.79 -23.54 16.80
C ARG B 90 -13.75 -22.48 17.19
N TYR B 91 -13.09 -21.93 16.18
CA TYR B 91 -12.08 -20.89 16.38
C TYR B 91 -12.77 -19.66 16.98
N ASN B 92 -12.30 -19.23 18.14
CA ASN B 92 -12.91 -18.08 18.82
C ASN B 92 -12.06 -16.81 18.81
N TRP B 93 -12.23 -16.01 17.77
CA TRP B 93 -11.47 -14.76 17.64
C TRP B 93 -12.00 -13.59 18.46
N ARG B 94 -13.21 -13.73 19.01
CA ARG B 94 -13.81 -12.66 19.79
C ARG B 94 -13.21 -12.50 21.18
N GLU B 95 -12.88 -13.61 21.82
CA GLU B 95 -12.38 -13.54 23.19
C GLU B 95 -10.92 -13.83 23.46
N ASN B 96 -10.47 -15.05 23.15
CA ASN B 96 -9.11 -15.45 23.47
C ASN B 96 -8.36 -16.21 22.37
N LEU B 97 -8.86 -16.16 21.15
CA LEU B 97 -8.22 -16.88 20.05
C LEU B 97 -8.14 -18.36 20.34
N ASP B 98 -9.10 -18.86 21.11
CA ASP B 98 -9.14 -20.28 21.46
C ASP B 98 -9.25 -21.08 20.16
N ARG B 99 -8.52 -22.18 20.08
CA ARG B 99 -8.51 -23.03 18.89
C ARG B 99 -8.00 -22.27 17.68
N ASP B 100 -6.93 -21.51 17.90
CA ASP B 100 -6.31 -20.69 16.87
C ASP B 100 -5.48 -21.60 15.97
N ILE B 101 -6.14 -22.29 15.06
CA ILE B 101 -5.47 -23.22 14.16
C ILE B 101 -6.15 -23.34 12.80
N ALA B 102 -5.35 -23.55 11.77
CA ALA B 102 -5.86 -23.70 10.40
C ALA B 102 -4.96 -24.60 9.55
N LEU B 103 -5.53 -25.18 8.52
CA LEU B 103 -4.78 -26.03 7.60
C LEU B 103 -4.87 -25.43 6.21
N MET B 104 -3.80 -25.57 5.44
CA MET B 104 -3.78 -25.05 4.08
C MET B 104 -3.24 -26.16 3.22
N LYS B 105 -3.95 -26.46 2.14
CA LYS B 105 -3.54 -27.51 1.22
C LYS B 105 -2.86 -26.90 0.00
N LEU B 106 -1.65 -27.36 -0.28
CA LEU B 106 -0.90 -26.85 -1.42
C LEU B 106 -1.63 -27.20 -2.73
N LYS B 107 -1.51 -26.32 -3.70
CA LYS B 107 -2.14 -26.54 -5.00
C LYS B 107 -1.51 -27.75 -5.67
N LYS B 108 -0.23 -27.98 -5.39
CA LYS B 108 0.50 -29.11 -5.96
C LYS B 108 1.50 -29.62 -4.92
N PRO B 109 1.66 -30.96 -4.81
CA PRO B 109 2.61 -31.49 -3.82
C PRO B 109 4.00 -30.88 -4.03
N VAL B 110 4.70 -30.63 -2.94
CA VAL B 110 6.03 -30.04 -3.04
C VAL B 110 7.08 -31.15 -2.88
N ALA B 111 8.21 -31.00 -3.57
CA ALA B 111 9.29 -31.98 -3.48
C ALA B 111 10.16 -31.63 -2.27
N PHE B 112 10.67 -32.65 -1.60
CA PHE B 112 11.51 -32.43 -0.43
C PHE B 112 12.96 -32.26 -0.87
N SER B 113 13.79 -31.73 0.02
CA SER B 113 15.19 -31.52 -0.28
C SER B 113 15.93 -31.26 1.03
N ASP B 114 17.19 -30.85 0.94
CA ASP B 114 17.96 -30.55 2.14
C ASP B 114 17.32 -29.41 2.93
N TYR B 115 16.55 -28.56 2.25
CA TYR B 115 15.94 -27.40 2.88
C TYR B 115 14.45 -27.49 3.11
N ILE B 116 13.83 -28.55 2.59
CA ILE B 116 12.40 -28.73 2.72
C ILE B 116 12.10 -30.13 3.21
N HIS B 117 11.56 -30.21 4.42
CA HIS B 117 11.25 -31.49 5.04
C HIS B 117 10.15 -31.28 6.09
N PRO B 118 9.17 -32.19 6.18
CA PRO B 118 8.10 -32.02 7.17
C PRO B 118 8.46 -32.36 8.60
N VAL B 119 7.74 -31.73 9.53
CA VAL B 119 7.94 -31.95 10.97
C VAL B 119 6.86 -32.96 11.37
N CYS B 120 7.09 -33.68 12.46
CA CYS B 120 6.09 -34.65 12.93
C CYS B 120 5.04 -34.02 13.82
N LEU B 121 3.86 -34.62 13.83
CA LEU B 121 2.79 -34.19 14.70
C LEU B 121 2.82 -35.21 15.83
N PRO B 122 2.68 -34.75 17.08
CA PRO B 122 2.72 -35.67 18.23
C PRO B 122 1.60 -36.70 18.38
N ASP B 123 1.98 -37.84 18.97
CA ASP B 123 1.06 -38.93 19.29
C ASP B 123 0.76 -38.65 20.76
N ARG B 124 -0.33 -39.21 21.29
CA ARG B 124 -0.72 -38.99 22.68
C ARG B 124 0.38 -39.14 23.73
N GLU B 125 1.15 -40.21 23.64
CA GLU B 125 2.21 -40.44 24.60
C GLU B 125 3.32 -39.41 24.58
N THR B 126 3.77 -39.03 23.38
CA THR B 126 4.81 -38.03 23.25
C THR B 126 4.34 -36.69 23.82
N ALA B 127 3.10 -36.34 23.53
CA ALA B 127 2.56 -35.07 24.02
C ALA B 127 2.45 -35.11 25.54
N ALA B 128 1.99 -36.22 26.07
CA ALA B 128 1.82 -36.35 27.52
C ALA B 128 3.15 -36.31 28.26
N SER B 129 4.20 -36.81 27.62
CA SER B 129 5.51 -36.84 28.24
C SER B 129 6.31 -35.55 28.12
N LEU B 130 6.20 -34.86 26.98
CA LEU B 130 6.97 -33.63 26.78
C LEU B 130 6.32 -32.32 27.17
N LEU B 131 4.99 -32.26 27.18
CA LEU B 131 4.31 -31.03 27.55
C LEU B 131 4.30 -30.86 29.06
N GLN B 132 5.42 -30.48 29.64
CA GLN B 132 5.48 -30.32 31.09
C GLN B 132 6.33 -29.10 31.44
N ALA B 133 5.95 -28.43 32.51
CA ALA B 133 6.65 -27.23 32.97
C ALA B 133 8.14 -27.44 33.03
N GLY B 134 8.91 -26.47 32.54
CA GLY B 134 10.36 -26.61 32.59
C GLY B 134 11.00 -27.20 31.34
N TYR B 135 10.27 -28.04 30.62
CA TYR B 135 10.80 -28.63 29.38
C TYR B 135 10.84 -27.54 28.34
N LYS B 136 11.93 -27.48 27.58
CA LYS B 136 12.06 -26.44 26.57
C LYS B 136 11.66 -26.86 25.16
N GLY B 137 11.14 -25.87 24.44
CA GLY B 137 10.73 -26.07 23.07
C GLY B 137 11.47 -25.00 22.27
N ARG B 138 11.31 -25.03 20.96
CA ARG B 138 11.98 -24.08 20.10
C ARG B 138 10.96 -23.35 19.22
N VAL B 139 11.12 -22.03 19.13
CA VAL B 139 10.24 -21.19 18.32
C VAL B 139 11.10 -20.49 17.27
N THR B 140 10.63 -20.44 16.04
CA THR B 140 11.36 -19.82 14.95
C THR B 140 10.47 -18.87 14.16
N GLY B 141 11.08 -17.89 13.50
CA GLY B 141 10.30 -16.96 12.72
C GLY B 141 11.10 -15.79 12.16
N TRP B 142 10.47 -15.04 11.28
CA TRP B 142 11.09 -13.88 10.65
C TRP B 142 10.38 -12.61 11.14
N GLY B 143 9.69 -12.71 12.28
CA GLY B 143 9.00 -11.55 12.82
C GLY B 143 9.97 -10.55 13.44
N ASN B 144 9.44 -9.43 13.95
CA ASN B 144 10.26 -8.38 14.56
C ASN B 144 11.16 -8.85 15.70
N LEU B 145 12.23 -8.10 15.92
CA LEU B 145 13.22 -8.40 16.96
C LEU B 145 12.92 -7.73 18.30
N LYS B 146 12.00 -6.78 18.30
CA LYS B 146 11.65 -6.06 19.52
C LYS B 146 10.21 -5.58 19.47
N GLU B 147 9.68 -5.30 20.65
CA GLU B 147 8.32 -4.81 20.76
C GLU B 147 8.32 -3.29 20.60
N THR B 148 9.27 -2.63 21.24
CA THR B 148 9.37 -1.17 21.19
C THR B 148 10.14 -0.62 20.01
N TRP B 149 9.74 0.57 19.59
CA TRP B 149 10.33 1.25 18.45
C TRP B 149 11.63 1.98 18.78
N THR B 150 12.60 1.85 17.89
CA THR B 150 13.87 2.55 18.04
C THR B 150 13.78 3.79 17.16
N ALA B 151 13.93 4.96 17.78
CA ALA B 151 13.85 6.23 17.07
C ALA B 151 14.52 6.27 15.71
N ASN B 152 13.72 6.60 14.70
CA ASN B 152 14.17 6.72 13.31
C ASN B 152 14.78 5.47 12.70
N VAL B 153 14.43 4.31 13.24
CA VAL B 153 14.93 3.05 12.73
C VAL B 153 13.78 2.06 12.59
N GLY B 154 13.03 1.88 13.67
CA GLY B 154 11.91 0.96 13.66
C GLY B 154 12.04 -0.10 14.73
N LYS B 155 11.23 -1.15 14.63
CA LYS B 155 11.26 -2.22 15.61
C LYS B 155 12.32 -3.27 15.31
N GLY B 156 12.86 -3.26 14.10
CA GLY B 156 13.89 -4.21 13.73
C GLY B 156 13.39 -5.52 13.14
N GLN B 157 13.87 -5.83 11.94
CA GLN B 157 13.52 -7.07 11.26
C GLN B 157 14.82 -7.82 11.07
N PRO B 158 14.78 -9.17 11.13
CA PRO B 158 16.03 -9.93 10.96
C PRO B 158 16.32 -10.16 9.47
N SER B 159 17.57 -10.42 9.13
CA SER B 159 17.88 -10.68 7.73
C SER B 159 17.69 -12.16 7.45
N VAL B 160 17.87 -13.01 8.47
CA VAL B 160 17.65 -14.45 8.31
C VAL B 160 16.77 -14.99 9.43
N LEU B 161 16.28 -16.22 9.23
CA LEU B 161 15.42 -16.90 10.19
C LEU B 161 15.98 -16.84 11.62
N GLN B 162 15.11 -16.52 12.58
CA GLN B 162 15.53 -16.46 13.97
C GLN B 162 15.01 -17.66 14.75
N VAL B 163 15.74 -18.05 15.79
CA VAL B 163 15.34 -19.18 16.62
C VAL B 163 15.61 -18.86 18.09
N VAL B 164 14.75 -19.39 18.95
CA VAL B 164 14.92 -19.22 20.39
C VAL B 164 14.30 -20.40 21.12
N ASN B 165 14.96 -20.87 22.18
CA ASN B 165 14.47 -21.99 22.98
C ASN B 165 13.81 -21.44 24.24
N LEU B 166 12.60 -21.89 24.51
CA LEU B 166 11.83 -21.41 25.67
C LEU B 166 11.20 -22.55 26.48
N PRO B 167 11.18 -22.40 27.80
CA PRO B 167 10.60 -23.42 28.67
C PRO B 167 9.09 -23.30 28.81
N ILE B 168 8.41 -24.43 28.83
CA ILE B 168 6.96 -24.45 29.01
C ILE B 168 6.70 -24.01 30.46
N VAL B 169 5.60 -23.29 30.67
CA VAL B 169 5.23 -22.75 31.98
C VAL B 169 3.98 -23.39 32.58
N GLU B 170 3.98 -23.54 33.90
CA GLU B 170 2.86 -24.15 34.63
C GLU B 170 1.56 -23.38 34.38
N ARG B 171 0.45 -24.10 34.19
CA ARG B 171 -0.83 -23.46 33.96
C ARG B 171 -1.16 -22.35 34.96
N PRO B 172 -1.01 -22.61 36.27
CA PRO B 172 -1.30 -21.58 37.27
C PRO B 172 -0.56 -20.27 37.07
N VAL B 173 0.71 -20.36 36.71
CA VAL B 173 1.50 -19.15 36.47
C VAL B 173 1.01 -18.46 35.19
N CYS B 174 0.65 -19.24 34.17
CA CYS B 174 0.15 -18.65 32.93
C CYS B 174 -1.16 -17.94 33.23
N LYS B 175 -2.01 -18.61 34.01
CA LYS B 175 -3.31 -18.06 34.34
C LYS B 175 -3.18 -16.73 35.11
N ASP B 176 -2.25 -16.68 36.05
CA ASP B 176 -2.05 -15.48 36.85
C ASP B 176 -1.31 -14.35 36.13
N SER B 177 -0.79 -14.61 34.94
CA SER B 177 -0.04 -13.59 34.22
C SER B 177 -0.88 -12.68 33.32
N THR B 178 -2.13 -13.06 33.08
CA THR B 178 -2.98 -12.29 32.18
C THR B 178 -4.43 -12.29 32.65
N ARG B 179 -5.19 -11.27 32.24
CA ARG B 179 -6.59 -11.18 32.61
C ARG B 179 -7.43 -11.90 31.57
N ILE B 180 -6.77 -12.31 30.48
CA ILE B 180 -7.44 -13.03 29.41
C ILE B 180 -7.83 -14.42 29.92
N ARG B 181 -8.92 -14.95 29.39
CA ARG B 181 -9.38 -16.27 29.80
C ARG B 181 -8.66 -17.35 28.97
N ILE B 182 -7.81 -18.12 29.64
CA ILE B 182 -7.04 -19.19 29.01
C ILE B 182 -7.85 -20.49 28.96
N THR B 183 -7.59 -21.32 27.97
CA THR B 183 -8.30 -22.60 27.84
C THR B 183 -7.33 -23.76 27.75
N ASP B 184 -7.88 -24.98 27.77
CA ASP B 184 -7.09 -26.20 27.67
C ASP B 184 -6.49 -26.37 26.28
N ASN B 185 -6.92 -25.57 25.31
CA ASN B 185 -6.41 -25.67 23.96
C ASN B 185 -5.19 -24.80 23.67
N MET B 186 -4.67 -24.16 24.72
CA MET B 186 -3.49 -23.33 24.56
C MET B 186 -2.56 -23.55 25.73
N PHE B 187 -1.28 -23.29 25.53
CA PHE B 187 -0.30 -23.42 26.60
C PHE B 187 0.62 -22.23 26.48
N CYS B 188 1.37 -21.92 27.53
CA CYS B 188 2.25 -20.77 27.46
C CYS B 188 3.70 -21.15 27.73
N ALA B 189 4.62 -20.36 27.17
CA ALA B 189 6.04 -20.61 27.34
C ALA B 189 6.81 -19.31 27.49
N GLY B 190 7.98 -19.41 28.12
CA GLY B 190 8.81 -18.23 28.33
C GLY B 190 9.52 -18.32 29.68
N TYR B 191 10.54 -17.50 29.85
CA TYR B 191 11.30 -17.48 31.10
C TYR B 191 10.64 -16.63 32.17
N LYS B 192 10.78 -17.05 33.42
CA LYS B 192 10.22 -16.33 34.56
C LYS B 192 11.16 -15.14 34.79
N PRO B 193 10.65 -14.07 35.41
CA PRO B 193 11.54 -12.93 35.65
C PRO B 193 12.78 -13.26 36.48
N ASP B 194 12.67 -14.20 37.41
CA ASP B 194 13.82 -14.55 38.23
C ASP B 194 14.80 -15.51 37.55
N GLU B 195 14.50 -15.94 36.33
CA GLU B 195 15.37 -16.87 35.62
C GLU B 195 16.54 -16.27 34.85
N GLY B 196 16.53 -14.95 34.66
CA GLY B 196 17.63 -14.31 33.96
C GLY B 196 17.62 -14.30 32.45
N LYS B 197 17.43 -15.47 31.84
CA LYS B 197 17.38 -15.56 30.38
C LYS B 197 16.05 -15.03 29.84
N ARG B 198 16.03 -14.63 28.58
CA ARG B 198 14.78 -14.15 28.01
C ARG B 198 14.54 -14.63 26.58
N GLY B 199 13.53 -14.06 25.95
CA GLY B 199 13.21 -14.44 24.58
C GLY B 199 11.72 -14.61 24.40
N ASP B 200 11.24 -14.38 23.18
CA ASP B 200 9.82 -14.50 22.93
C ASP B 200 9.54 -14.38 21.44
N ALA B 201 8.30 -14.64 21.06
CA ALA B 201 7.87 -14.50 19.67
C ALA B 201 7.40 -13.04 19.60
N CYS B 202 7.36 -12.45 18.40
CA CYS B 202 6.90 -11.08 18.28
C CYS B 202 6.05 -10.92 17.01
N GLU B 203 5.64 -9.69 16.70
CA GLU B 203 4.80 -9.47 15.53
C GLU B 203 5.37 -10.13 14.28
N GLY B 204 4.53 -10.92 13.62
CA GLY B 204 4.96 -11.60 12.42
C GLY B 204 5.33 -13.07 12.62
N ASP B 205 5.49 -13.50 13.87
CA ASP B 205 5.83 -14.89 14.14
C ASP B 205 4.63 -15.83 14.29
N ALA B 206 3.43 -15.26 14.38
CA ALA B 206 2.24 -16.10 14.51
C ALA B 206 2.20 -17.15 13.42
N GLY B 207 1.64 -18.32 13.74
CA GLY B 207 1.55 -19.38 12.76
C GLY B 207 2.77 -20.29 12.72
N GLY B 208 3.91 -19.78 13.18
CA GLY B 208 5.13 -20.57 13.21
C GLY B 208 5.01 -21.67 14.24
N PRO B 209 5.84 -22.71 14.15
CA PRO B 209 5.80 -23.84 15.08
C PRO B 209 6.64 -23.75 16.36
N PHE B 210 6.11 -24.36 17.42
CA PHE B 210 6.82 -24.49 18.70
C PHE B 210 7.12 -26.00 18.64
N VAL B 211 8.39 -26.35 18.40
CA VAL B 211 8.80 -27.74 18.26
C VAL B 211 9.65 -28.25 19.41
N MET B 212 9.69 -29.57 19.56
CA MET B 212 10.49 -30.22 20.60
C MET B 212 11.12 -31.46 19.98
N LYS B 213 12.39 -31.73 20.32
CA LYS B 213 13.05 -32.91 19.78
C LYS B 213 12.82 -34.04 20.78
N SER B 214 12.14 -35.08 20.34
CA SER B 214 11.85 -36.21 21.21
C SER B 214 13.08 -36.97 21.69
N PRO B 215 13.17 -37.20 23.02
CA PRO B 215 14.31 -37.94 23.56
C PRO B 215 14.05 -39.44 23.43
N PHE B 216 12.85 -39.80 22.98
CA PHE B 216 12.46 -41.19 22.82
C PHE B 216 12.78 -41.74 21.42
N ASN B 217 12.68 -40.91 20.39
CA ASN B 217 12.98 -41.38 19.06
C ASN B 217 13.78 -40.38 18.22
N ASN B 218 14.33 -39.38 18.89
CA ASN B 218 15.15 -38.32 18.27
C ASN B 218 14.58 -37.63 17.01
N ARG B 219 13.26 -37.47 16.98
CA ARG B 219 12.60 -36.80 15.86
C ARG B 219 11.98 -35.51 16.39
N TRP B 220 11.90 -34.50 15.51
CA TRP B 220 11.30 -33.22 15.87
C TRP B 220 9.78 -33.23 15.74
N TYR B 221 9.11 -32.77 16.78
CA TYR B 221 7.65 -32.71 16.83
C TYR B 221 7.17 -31.28 17.03
N GLN B 222 6.08 -30.93 16.35
CA GLN B 222 5.48 -29.61 16.52
C GLN B 222 4.43 -29.73 17.61
N MET B 223 4.70 -29.16 18.78
CA MET B 223 3.75 -29.22 19.91
C MET B 223 2.81 -28.02 19.93
N GLY B 224 3.23 -26.90 19.34
CA GLY B 224 2.39 -25.72 19.34
C GLY B 224 2.53 -24.78 18.15
N ILE B 225 1.63 -23.80 18.11
CA ILE B 225 1.58 -22.79 17.05
C ILE B 225 1.61 -21.41 17.73
N VAL B 226 2.53 -20.54 17.32
CA VAL B 226 2.62 -19.21 17.90
C VAL B 226 1.26 -18.55 17.73
N SER B 227 0.64 -18.16 18.83
CA SER B 227 -0.69 -17.57 18.76
C SER B 227 -0.77 -16.11 19.22
N TRP B 228 -0.60 -15.86 20.50
CA TRP B 228 -0.69 -14.50 20.99
C TRP B 228 0.07 -14.23 22.28
N GLY B 229 0.06 -12.96 22.65
CA GLY B 229 0.73 -12.52 23.86
C GLY B 229 0.28 -11.10 24.16
N GLU B 230 0.95 -10.46 25.11
CA GLU B 230 0.63 -9.08 25.46
C GLU B 230 1.97 -8.36 25.47
N GLY B 231 2.37 -7.86 24.31
CA GLY B 231 3.66 -7.20 24.21
C GLY B 231 4.70 -8.30 24.14
N CYS B 232 5.82 -8.04 23.46
CA CYS B 232 6.86 -9.06 23.31
C CYS B 232 7.94 -8.97 24.39
N ASP B 233 8.34 -10.12 24.91
CA ASP B 233 9.41 -10.24 25.91
C ASP B 233 9.30 -9.40 27.18
N ARG B 234 8.09 -9.20 27.70
CA ARG B 234 7.91 -8.43 28.92
C ARG B 234 8.06 -9.33 30.15
N ASP B 235 8.65 -8.79 31.20
CA ASP B 235 8.83 -9.53 32.45
C ASP B 235 7.48 -9.90 33.05
N GLY B 236 7.33 -11.16 33.44
CA GLY B 236 6.08 -11.60 34.03
C GLY B 236 4.99 -11.93 33.04
N LYS B 237 5.27 -11.80 31.74
CA LYS B 237 4.29 -12.14 30.72
C LYS B 237 4.82 -13.33 29.94
N TYR B 238 3.93 -14.06 29.25
CA TYR B 238 4.34 -15.22 28.48
C TYR B 238 3.62 -15.31 27.15
N GLY B 239 4.25 -15.96 26.19
CA GLY B 239 3.61 -16.13 24.90
C GLY B 239 2.68 -17.31 24.98
N PHE B 240 1.58 -17.27 24.23
CA PHE B 240 0.63 -18.36 24.25
C PHE B 240 0.66 -19.08 22.92
N TYR B 241 0.57 -20.40 23.00
CA TYR B 241 0.63 -21.27 21.83
C TYR B 241 -0.55 -22.22 21.74
N THR B 242 -1.01 -22.48 20.52
CA THR B 242 -2.11 -23.39 20.31
C THR B 242 -1.60 -24.80 20.62
N HIS B 243 -2.41 -25.58 21.33
CA HIS B 243 -2.06 -26.94 21.73
C HIS B 243 -2.37 -27.88 20.56
N VAL B 244 -1.37 -28.16 19.74
CA VAL B 244 -1.57 -28.99 18.56
C VAL B 244 -2.13 -30.38 18.80
N PHE B 245 -1.57 -31.13 19.75
CA PHE B 245 -2.10 -32.45 19.97
C PHE B 245 -3.58 -32.44 20.35
N ARG B 246 -4.00 -31.48 21.15
CA ARG B 246 -5.41 -31.44 21.56
C ARG B 246 -6.36 -31.23 20.39
N LEU B 247 -5.83 -30.81 19.25
CA LEU B 247 -6.67 -30.56 18.08
C LEU B 247 -6.34 -31.53 16.96
N LYS B 248 -5.57 -32.56 17.26
CA LYS B 248 -5.19 -33.51 16.24
C LYS B 248 -6.37 -34.19 15.59
N LYS B 249 -7.45 -34.42 16.35
CA LYS B 249 -8.62 -35.07 15.78
C LYS B 249 -9.22 -34.21 14.68
N TRP B 250 -9.26 -32.90 14.91
CA TRP B 250 -9.80 -32.00 13.89
C TRP B 250 -8.92 -32.09 12.65
N ILE B 251 -7.59 -32.03 12.84
CA ILE B 251 -6.66 -32.10 11.71
C ILE B 251 -6.90 -33.36 10.89
N GLN B 252 -7.05 -34.48 11.59
CA GLN B 252 -7.29 -35.76 10.95
C GLN B 252 -8.58 -35.71 10.13
N LYS B 253 -9.64 -35.14 10.70
CA LYS B 253 -10.91 -35.05 10.00
C LYS B 253 -10.78 -34.25 8.70
N VAL B 254 -10.24 -33.04 8.80
CA VAL B 254 -10.08 -32.21 7.63
C VAL B 254 -9.28 -32.90 6.53
N ILE B 255 -8.17 -33.52 6.90
CA ILE B 255 -7.34 -34.19 5.93
C ILE B 255 -8.02 -35.40 5.30
N ASP B 256 -8.83 -36.11 6.08
CA ASP B 256 -9.54 -37.28 5.55
C ASP B 256 -10.55 -36.96 4.46
N GLN B 257 -11.29 -35.86 4.60
CA GLN B 257 -12.29 -35.53 3.58
C GLN B 257 -11.90 -34.47 2.57
N PHE B 258 -10.62 -34.08 2.53
CA PHE B 258 -10.19 -33.07 1.57
C PHE B 258 -8.80 -33.35 1.02
N GLY B 259 -8.10 -34.28 1.66
CA GLY B 259 -6.74 -34.60 1.26
C GLY B 259 -6.52 -35.20 -0.11
N GLU B 260 -7.41 -36.08 -0.56
CA GLU B 260 -7.24 -36.69 -1.87
C GLU B 260 -7.72 -35.76 -2.97
N GLY C 54 21.34 -4.17 4.39
CA GLY C 54 22.50 -3.72 3.58
C GLY C 54 23.08 -4.84 2.73
N GLU C 55 23.49 -5.93 3.38
CA GLU C 55 24.05 -7.07 2.67
C GLU C 55 22.92 -8.03 2.30
N GLU C 56 21.70 -7.49 2.25
CA GLU C 56 20.53 -8.29 1.91
C GLU C 56 19.73 -7.69 0.75
N ASP C 57 19.15 -8.56 -0.07
CA ASP C 57 18.35 -8.15 -1.21
C ASP C 57 16.87 -8.24 -0.84
N ASP C 58 16.09 -7.25 -1.25
CA ASP C 58 14.66 -7.27 -0.99
C ASP C 58 14.01 -7.50 -2.35
N ASP C 59 13.85 -8.77 -2.72
CA ASP C 59 13.31 -9.12 -4.03
C ASP C 59 11.81 -9.20 -4.21
N TYS C 60 11.34 -8.63 -5.32
CA TYS C 60 9.93 -8.70 -5.67
CB TYS C 60 9.54 -7.59 -6.66
CG TYS C 60 8.10 -7.68 -7.17
CD1 TYS C 60 7.02 -7.40 -6.33
CD2 TYS C 60 7.83 -8.06 -8.49
CE1 TYS C 60 5.70 -7.49 -6.79
CE2 TYS C 60 6.50 -8.16 -8.95
CZ TYS C 60 5.44 -7.88 -8.09
OH TYS C 60 4.23 -8.00 -8.46
S TYS C 60 3.75 -7.38 -9.66
O1 TYS C 60 2.33 -7.31 -9.57
O2 TYS C 60 4.29 -6.04 -9.86
O3 TYS C 60 4.07 -8.22 -10.78
C TYS C 60 9.87 -10.04 -6.39
O TYS C 60 10.81 -10.41 -7.07
N LEU C 61 8.78 -10.77 -6.23
CA LEU C 61 8.68 -12.06 -6.90
C LEU C 61 7.93 -11.95 -8.21
N ASP C 62 8.60 -12.31 -9.30
CA ASP C 62 7.97 -12.29 -10.62
C ASP C 62 7.18 -13.60 -10.71
N LEU C 63 5.97 -13.59 -10.18
CA LEU C 63 5.13 -14.79 -10.16
C LEU C 63 4.89 -15.47 -11.50
N GLU C 64 4.57 -14.69 -12.53
CA GLU C 64 4.32 -15.27 -13.85
C GLU C 64 5.55 -16.03 -14.35
N LYS C 65 6.72 -15.43 -14.18
CA LYS C 65 7.98 -16.04 -14.60
C LYS C 65 8.24 -17.30 -13.78
N ILE C 66 8.05 -17.20 -12.47
CA ILE C 66 8.29 -18.33 -11.57
C ILE C 66 7.36 -19.52 -11.82
N PHE C 67 6.08 -19.26 -11.95
CA PHE C 67 5.13 -20.34 -12.18
C PHE C 67 5.08 -20.85 -13.62
N SER C 68 5.70 -20.12 -14.54
CA SER C 68 5.72 -20.53 -15.95
C SER C 68 6.63 -21.75 -16.07
N GLU C 69 7.50 -21.93 -15.08
CA GLU C 69 8.43 -23.05 -15.09
C GLU C 69 7.76 -24.32 -14.56
N ASP C 70 6.52 -24.20 -14.11
CA ASP C 70 5.77 -25.35 -13.63
C ASP C 70 5.68 -26.33 -14.78
N ASP C 71 5.64 -27.62 -14.47
CA ASP C 71 5.59 -28.65 -15.51
C ASP C 71 4.35 -28.61 -16.40
N ASP C 72 3.20 -28.28 -15.83
CA ASP C 72 1.95 -28.24 -16.59
C ASP C 72 1.72 -26.96 -17.39
N TYS C 73 2.74 -26.11 -17.49
CA TYS C 73 2.61 -24.86 -18.24
CB TYS C 73 3.92 -24.07 -18.17
CG TYS C 73 4.01 -22.89 -19.11
CD1 TYS C 73 3.23 -21.75 -18.91
CD2 TYS C 73 4.88 -22.90 -20.19
CE1 TYS C 73 3.35 -20.62 -19.74
CE2 TYS C 73 5.02 -21.79 -21.03
CZ TYS C 73 4.25 -20.64 -20.81
OH TYS C 73 4.42 -19.59 -21.49
S TYS C 73 4.53 -19.67 -22.89
O1 TYS C 73 4.49 -18.34 -23.41
O2 TYS C 73 5.78 -20.29 -23.29
O3 TYS C 73 3.41 -20.40 -23.42
C TYS C 73 2.26 -25.12 -19.71
O TYS C 73 1.37 -24.49 -20.26
N ILE C 74 2.98 -26.06 -20.32
CA ILE C 74 2.77 -26.42 -21.71
C ILE C 74 1.40 -27.02 -22.01
N ASP C 75 0.76 -27.58 -21.00
CA ASP C 75 -0.56 -28.20 -21.18
C ASP C 75 -1.73 -27.24 -21.13
N ILE C 76 -1.46 -25.94 -21.11
CA ILE C 76 -2.52 -24.94 -21.05
C ILE C 76 -3.35 -24.95 -22.33
N VAL C 77 -4.68 -24.91 -22.18
CA VAL C 77 -5.58 -24.90 -23.34
C VAL C 77 -6.17 -23.51 -23.50
N ASP C 78 -5.71 -22.78 -24.50
CA ASP C 78 -6.18 -21.42 -24.75
C ASP C 78 -7.44 -21.39 -25.62
N SER C 79 -7.85 -20.19 -26.00
CA SER C 79 -9.04 -20.01 -26.81
C SER C 79 -8.69 -19.58 -28.22
N LEU C 80 -9.40 -20.13 -29.20
CA LEU C 80 -9.17 -19.81 -30.60
C LEU C 80 -9.99 -18.59 -30.99
N SER C 81 -9.42 -17.75 -31.84
CA SER C 81 -10.12 -16.55 -32.31
C SER C 81 -10.90 -16.92 -33.58
N VAL C 82 -12.11 -17.43 -33.36
CA VAL C 82 -13.04 -17.89 -34.39
C VAL C 82 -13.23 -16.94 -35.58
N SER C 83 -14.11 -17.34 -36.49
CA SER C 83 -14.43 -16.53 -37.66
C SER C 83 -15.12 -15.26 -37.14
N PRO C 84 -16.46 -15.26 -36.96
CA PRO C 84 -16.97 -13.99 -36.45
C PRO C 84 -17.85 -14.22 -35.22
N THR C 85 -18.14 -13.16 -34.48
CA THR C 85 -18.99 -13.24 -33.29
C THR C 85 -20.19 -12.30 -33.40
N ASP C 86 -19.95 -11.03 -33.10
CA ASP C 86 -20.97 -9.98 -33.15
C ASP C 86 -21.67 -9.73 -31.82
N SER C 87 -21.25 -8.66 -31.14
CA SER C 87 -21.81 -8.26 -29.85
C SER C 87 -21.23 -6.91 -29.46
N ASP C 88 -21.80 -6.30 -28.43
CA ASP C 88 -21.34 -4.99 -27.97
C ASP C 88 -22.21 -4.48 -26.83
N VAL C 89 -21.90 -3.28 -26.37
CA VAL C 89 -22.65 -2.63 -25.29
C VAL C 89 -22.31 -1.14 -25.35
N SER C 90 -23.27 -0.35 -25.82
CA SER C 90 -23.07 1.09 -25.95
C SER C 90 -22.56 1.76 -24.69
N ALA C 91 -22.28 3.05 -24.77
CA ALA C 91 -21.76 3.81 -23.65
C ALA C 91 -22.72 4.81 -23.05
N GLY C 92 -22.23 6.03 -22.86
CA GLY C 92 -23.02 7.08 -22.26
C GLY C 92 -22.62 7.12 -20.81
N ASN C 93 -21.67 7.99 -20.49
CA ASN C 93 -21.19 8.13 -19.13
C ASN C 93 -21.97 9.21 -18.41
N ILE C 94 -23.29 9.14 -18.56
CA ILE C 94 -24.21 10.11 -17.96
C ILE C 94 -23.74 10.53 -16.57
N LEU C 95 -24.16 11.72 -16.15
CA LEU C 95 -23.78 12.22 -14.84
C LEU C 95 -24.93 12.25 -13.85
N GLN C 96 -25.26 11.07 -13.32
CA GLN C 96 -26.29 10.96 -12.31
C GLN C 96 -25.55 11.18 -11.00
N LEU C 97 -24.32 11.66 -11.12
CA LEU C 97 -23.48 11.96 -9.98
C LEU C 97 -23.93 13.31 -9.45
N PHE C 98 -24.66 14.04 -10.29
CA PHE C 98 -25.15 15.36 -9.94
C PHE C 98 -26.26 15.37 -8.90
N HIS C 99 -27.00 14.27 -8.80
CA HIS C 99 -28.08 14.19 -7.83
C HIS C 99 -27.59 14.54 -6.43
N GLY C 100 -28.22 15.54 -5.83
CA GLY C 100 -27.84 15.95 -4.49
C GLY C 100 -26.59 16.79 -4.42
N LYS C 101 -25.96 17.03 -5.57
CA LYS C 101 -24.74 17.82 -5.61
C LYS C 101 -25.01 19.31 -5.80
N SER C 102 -24.32 20.11 -5.00
CA SER C 102 -24.46 21.56 -5.06
C SER C 102 -23.98 22.04 -6.43
N ARG C 103 -24.26 23.31 -6.71
CA ARG C 103 -23.90 23.90 -7.98
C ARG C 103 -22.38 23.88 -8.23
N ILE C 104 -21.61 24.28 -7.24
CA ILE C 104 -20.16 24.30 -7.39
C ILE C 104 -19.58 22.89 -7.50
N GLN C 105 -20.19 21.93 -6.83
CA GLN C 105 -19.72 20.55 -6.89
C GLN C 105 -19.92 19.96 -8.28
N ARG C 106 -21.03 20.31 -8.92
CA ARG C 106 -21.32 19.79 -10.24
C ARG C 106 -20.30 20.28 -11.24
N LEU C 107 -19.87 21.54 -11.08
CA LEU C 107 -18.88 22.10 -11.99
C LEU C 107 -17.52 21.44 -11.73
N ASN C 108 -17.20 21.23 -10.46
CA ASN C 108 -15.92 20.61 -10.11
C ASN C 108 -15.86 19.14 -10.49
N ILE C 109 -17.00 18.48 -10.54
CA ILE C 109 -17.04 17.07 -10.92
C ILE C 109 -16.64 17.02 -12.40
N LEU C 110 -17.15 17.96 -13.19
CA LEU C 110 -16.82 18.01 -14.61
C LEU C 110 -15.38 18.50 -14.81
N ASN C 111 -14.92 19.40 -13.96
CA ASN C 111 -13.53 19.88 -14.10
C ASN C 111 -12.61 18.69 -13.82
N ALA C 112 -13.01 17.83 -12.89
CA ALA C 112 -12.24 16.64 -12.55
C ALA C 112 -12.24 15.69 -13.75
N LYS C 113 -13.38 15.54 -14.39
CA LYS C 113 -13.47 14.67 -15.55
C LYS C 113 -12.47 15.13 -16.61
N PHE C 114 -12.39 16.44 -16.82
CA PHE C 114 -11.45 17.00 -17.78
C PHE C 114 -10.01 16.78 -17.29
N ALA C 115 -9.80 16.95 -15.99
CA ALA C 115 -8.48 16.78 -15.41
C ALA C 115 -7.92 15.38 -15.67
N PHE C 116 -8.73 14.36 -15.42
CA PHE C 116 -8.25 12.98 -15.64
C PHE C 116 -7.94 12.72 -17.10
N ASN C 117 -8.72 13.28 -18.02
CA ASN C 117 -8.46 13.10 -19.44
C ASN C 117 -7.14 13.77 -19.82
N LEU C 118 -6.91 14.94 -19.26
CA LEU C 118 -5.68 15.69 -19.51
C LEU C 118 -4.49 14.90 -18.95
N TYR C 119 -4.64 14.36 -17.75
CA TYR C 119 -3.59 13.57 -17.14
C TYR C 119 -3.24 12.40 -18.07
N ARG C 120 -4.29 11.75 -18.57
CA ARG C 120 -4.14 10.62 -19.48
C ARG C 120 -3.23 11.01 -20.65
N VAL C 121 -3.45 12.20 -21.20
CA VAL C 121 -2.63 12.67 -22.32
C VAL C 121 -1.25 13.09 -21.88
N LEU C 122 -1.19 13.82 -20.77
CA LEU C 122 0.08 14.32 -20.25
C LEU C 122 1.06 13.21 -19.87
N LYS C 123 0.57 12.16 -19.21
CA LYS C 123 1.46 11.08 -18.79
C LYS C 123 2.16 10.37 -19.95
N ASP C 124 1.52 10.31 -21.12
CA ASP C 124 2.15 9.66 -22.26
C ASP C 124 3.22 10.53 -22.90
N GLN C 125 3.52 11.65 -22.26
CA GLN C 125 4.54 12.55 -22.78
C GLN C 125 5.74 12.64 -21.87
N VAL C 126 5.75 11.78 -20.85
CA VAL C 126 6.86 11.71 -19.91
C VAL C 126 7.16 10.21 -19.75
N ASN C 127 8.20 9.88 -19.01
CA ASN C 127 8.57 8.48 -18.81
C ASN C 127 7.72 7.89 -17.69
N THR C 128 7.46 6.57 -17.77
CA THR C 128 6.68 5.91 -16.73
C THR C 128 7.38 6.02 -15.38
N PHE C 129 8.68 6.30 -15.40
CA PHE C 129 9.43 6.42 -14.16
C PHE C 129 9.54 7.87 -13.66
N ASP C 130 8.88 8.79 -14.35
CA ASP C 130 8.91 10.18 -13.91
C ASP C 130 7.76 10.47 -12.96
N ASN C 131 7.99 11.37 -12.01
CA ASN C 131 6.94 11.77 -11.10
C ASN C 131 6.11 12.77 -11.93
N ILE C 132 4.87 13.01 -11.53
CA ILE C 132 4.00 13.94 -12.25
C ILE C 132 3.21 14.75 -11.23
N PHE C 133 3.08 16.05 -11.48
CA PHE C 133 2.32 16.92 -10.58
C PHE C 133 1.65 18.05 -11.35
N ILE C 134 0.33 18.16 -11.21
CA ILE C 134 -0.43 19.21 -11.87
C ILE C 134 -1.52 19.71 -10.92
N ALA C 135 -1.98 20.95 -11.16
CA ALA C 135 -3.03 21.57 -10.35
C ALA C 135 -4.20 21.81 -11.28
N PRO C 136 -5.07 20.79 -11.45
CA PRO C 136 -6.25 20.82 -12.31
C PRO C 136 -7.13 22.05 -12.20
N VAL C 137 -7.40 22.51 -10.98
CA VAL C 137 -8.24 23.68 -10.80
C VAL C 137 -7.62 24.88 -11.54
N GLY C 138 -6.30 25.00 -11.46
CA GLY C 138 -5.61 26.09 -12.15
C GLY C 138 -5.81 26.00 -13.65
N ILE C 139 -5.70 24.79 -14.19
CA ILE C 139 -5.85 24.59 -15.63
C ILE C 139 -7.27 24.95 -16.09
N SER C 140 -8.27 24.44 -15.38
CA SER C 140 -9.65 24.71 -15.73
C SER C 140 -10.02 26.19 -15.62
N THR C 141 -9.56 26.87 -14.56
CA THR C 141 -9.90 28.28 -14.41
C THR C 141 -9.24 29.09 -15.52
N ALA C 142 -8.00 28.73 -15.86
CA ALA C 142 -7.29 29.44 -16.91
C ALA C 142 -8.03 29.33 -18.25
N MET C 143 -8.59 28.17 -18.55
CA MET C 143 -9.31 28.00 -19.81
C MET C 143 -10.64 28.74 -19.74
N GLY C 144 -11.26 28.75 -18.57
CA GLY C 144 -12.50 29.46 -18.42
C GLY C 144 -12.22 30.92 -18.67
N MET C 145 -11.16 31.43 -18.04
CA MET C 145 -10.79 32.83 -18.17
C MET C 145 -10.46 33.23 -19.61
N ILE C 146 -9.62 32.42 -20.24
CA ILE C 146 -9.21 32.68 -21.61
C ILE C 146 -10.41 32.67 -22.56
N SER C 147 -11.41 31.83 -22.29
CA SER C 147 -12.58 31.74 -23.17
C SER C 147 -13.42 33.01 -23.19
N LEU C 148 -13.20 33.89 -22.22
CA LEU C 148 -13.93 35.16 -22.16
C LEU C 148 -13.66 35.96 -23.42
N GLY C 149 -12.49 35.75 -24.03
CA GLY C 149 -12.16 36.48 -25.24
C GLY C 149 -12.14 35.67 -26.52
N LEU C 150 -12.70 34.46 -26.48
CA LEU C 150 -12.72 33.61 -27.67
C LEU C 150 -14.11 33.59 -28.29
N LYS C 151 -14.16 33.43 -29.62
CA LYS C 151 -15.46 33.41 -30.29
C LYS C 151 -15.53 32.30 -31.36
N GLY C 152 -16.75 31.91 -31.71
CA GLY C 152 -16.93 30.88 -32.71
C GLY C 152 -16.51 29.48 -32.31
N GLU C 153 -15.96 28.74 -33.26
CA GLU C 153 -15.51 27.38 -33.01
C GLU C 153 -14.34 27.33 -32.05
N THR C 154 -13.50 28.34 -32.08
CA THR C 154 -12.36 28.38 -31.20
C THR C 154 -12.88 28.28 -29.77
N HIS C 155 -13.94 29.04 -29.51
CA HIS C 155 -14.58 29.06 -28.20
C HIS C 155 -15.26 27.73 -27.91
N GLU C 156 -15.93 27.16 -28.92
CA GLU C 156 -16.62 25.90 -28.74
C GLU C 156 -15.71 24.72 -28.39
N GLN C 157 -14.58 24.58 -29.07
CA GLN C 157 -13.67 23.49 -28.74
C GLN C 157 -13.37 23.54 -27.24
N VAL C 158 -12.97 24.71 -26.77
CA VAL C 158 -12.65 24.89 -25.35
C VAL C 158 -13.77 24.50 -24.41
N HIS C 159 -14.97 25.04 -24.63
CA HIS C 159 -16.08 24.73 -23.74
C HIS C 159 -16.52 23.27 -23.80
N SER C 160 -16.27 22.66 -24.95
CA SER C 160 -16.61 21.27 -25.17
C SER C 160 -15.62 20.37 -24.41
N ILE C 161 -14.35 20.48 -24.78
CA ILE C 161 -13.31 19.69 -24.15
C ILE C 161 -13.11 19.91 -22.64
N LEU C 162 -13.37 21.14 -22.18
CA LEU C 162 -13.25 21.45 -20.74
C LEU C 162 -14.52 20.97 -20.03
N HIS C 163 -15.50 20.56 -20.81
CA HIS C 163 -16.78 20.08 -20.31
C HIS C 163 -17.70 21.18 -19.75
N PHE C 164 -17.43 22.42 -20.15
CA PHE C 164 -18.25 23.53 -19.71
C PHE C 164 -19.61 23.42 -20.38
N LYS C 165 -19.63 22.87 -21.59
CA LYS C 165 -20.89 22.70 -22.31
C LYS C 165 -21.81 21.76 -21.55
N ASP C 166 -21.25 20.67 -21.04
CA ASP C 166 -22.02 19.69 -20.29
C ASP C 166 -22.61 20.31 -19.03
N PHE C 167 -21.87 21.21 -18.39
CA PHE C 167 -22.37 21.85 -17.18
C PHE C 167 -23.58 22.73 -17.47
N VAL C 168 -23.45 23.59 -18.48
CA VAL C 168 -24.54 24.48 -18.85
C VAL C 168 -25.78 23.67 -19.19
N ASN C 169 -25.58 22.50 -19.79
CA ASN C 169 -26.67 21.61 -20.17
C ASN C 169 -27.31 20.89 -18.99
N ALA C 170 -26.56 20.74 -17.91
CA ALA C 170 -27.06 20.04 -16.73
C ALA C 170 -28.41 20.54 -16.23
N SER C 171 -28.58 21.85 -16.19
CA SER C 171 -29.83 22.43 -15.70
C SER C 171 -30.32 23.58 -16.57
N SER C 172 -31.62 23.84 -16.51
CA SER C 172 -32.22 24.92 -17.29
C SER C 172 -31.76 26.28 -16.78
N LYS C 173 -31.50 26.37 -15.48
CA LYS C 173 -31.05 27.61 -14.88
C LYS C 173 -29.54 27.81 -14.96
N TYR C 174 -28.88 27.03 -15.82
CA TYR C 174 -27.43 27.14 -15.97
C TYR C 174 -27.08 27.77 -17.30
N GLU C 175 -26.20 28.76 -17.27
CA GLU C 175 -25.77 29.43 -18.49
C GLU C 175 -24.27 29.67 -18.39
N ILE C 176 -23.65 30.02 -19.53
CA ILE C 176 -22.22 30.26 -19.55
C ILE C 176 -21.79 31.24 -18.46
N THR C 177 -22.64 32.21 -18.17
CA THR C 177 -22.36 33.19 -17.14
C THR C 177 -22.22 32.54 -15.77
N THR C 178 -22.94 31.44 -15.57
CA THR C 178 -22.89 30.72 -14.30
C THR C 178 -21.47 30.17 -14.06
N ILE C 179 -20.86 29.69 -15.14
CA ILE C 179 -19.51 29.16 -15.07
C ILE C 179 -18.55 30.22 -14.56
N HIS C 180 -18.55 31.39 -15.19
CA HIS C 180 -17.67 32.47 -14.77
C HIS C 180 -18.01 32.90 -13.35
N ASN C 181 -19.29 32.96 -13.03
CA ASN C 181 -19.69 33.35 -11.67
C ASN C 181 -19.16 32.34 -10.66
N LEU C 182 -19.31 31.05 -10.98
CA LEU C 182 -18.83 30.01 -10.07
C LEU C 182 -17.31 30.06 -9.90
N PHE C 183 -16.58 30.28 -10.99
CA PHE C 183 -15.14 30.37 -10.90
C PHE C 183 -14.72 31.58 -10.06
N ARG C 184 -15.51 32.65 -10.12
CA ARG C 184 -15.19 33.84 -9.34
C ARG C 184 -15.28 33.46 -7.86
N LYS C 185 -16.38 32.80 -7.48
CA LYS C 185 -16.56 32.37 -6.10
C LYS C 185 -15.49 31.37 -5.67
N LEU C 186 -15.26 30.34 -6.47
CA LEU C 186 -14.28 29.33 -6.15
C LEU C 186 -12.90 29.93 -5.95
N THR C 187 -12.51 30.81 -6.88
CA THR C 187 -11.20 31.44 -6.81
C THR C 187 -11.02 32.21 -5.51
N HIS C 188 -12.06 32.94 -5.11
CA HIS C 188 -11.97 33.68 -3.87
C HIS C 188 -11.73 32.75 -2.70
N ARG C 189 -12.59 31.74 -2.58
CA ARG C 189 -12.50 30.76 -1.49
C ARG C 189 -11.14 30.07 -1.38
N LEU C 190 -10.58 29.64 -2.50
CA LEU C 190 -9.29 28.94 -2.49
C LEU C 190 -8.06 29.79 -2.31
N PHE C 191 -7.95 30.87 -3.08
CA PHE C 191 -6.75 31.71 -3.03
C PHE C 191 -6.87 33.04 -2.28
N ARG C 192 -8.09 33.48 -2.01
CA ARG C 192 -8.26 34.75 -1.33
C ARG C 192 -8.77 34.63 0.10
N ARG C 193 -8.47 33.50 0.71
CA ARG C 193 -8.88 33.22 2.08
C ARG C 193 -7.89 32.22 2.66
N ASN C 194 -7.69 32.26 3.96
CA ASN C 194 -6.75 31.33 4.60
C ASN C 194 -7.46 30.36 5.54
N PHE C 195 -7.47 29.08 5.18
CA PHE C 195 -8.13 28.08 6.00
C PHE C 195 -7.18 27.21 6.83
N GLY C 196 -5.87 27.45 6.71
CA GLY C 196 -4.93 26.66 7.49
C GLY C 196 -3.80 26.01 6.71
N TYR C 197 -3.82 26.16 5.39
CA TYR C 197 -2.77 25.61 4.55
C TYR C 197 -2.19 26.72 3.68
N THR C 198 -1.02 26.47 3.10
CA THR C 198 -0.38 27.44 2.24
C THR C 198 -0.67 27.13 0.77
N LEU C 199 -1.43 28.02 0.13
CA LEU C 199 -1.80 27.87 -1.26
C LEU C 199 -1.54 29.19 -1.99
N ARG C 200 -0.35 29.33 -2.56
CA ARG C 200 0.03 30.53 -3.29
C ARG C 200 -0.07 30.23 -4.79
N SER C 201 -0.57 31.20 -5.55
CA SER C 201 -0.73 30.99 -6.98
C SER C 201 -0.79 32.24 -7.84
N VAL C 202 -0.45 32.07 -9.12
CA VAL C 202 -0.51 33.13 -10.11
C VAL C 202 -1.17 32.45 -11.31
N ASN C 203 -2.12 33.13 -11.94
CA ASN C 203 -2.82 32.55 -13.09
C ASN C 203 -3.22 33.70 -14.01
N ASP C 204 -2.24 34.28 -14.70
CA ASP C 204 -2.47 35.40 -15.60
C ASP C 204 -2.07 35.15 -17.05
N LEU C 205 -2.47 36.09 -17.91
CA LEU C 205 -2.13 36.09 -19.33
C LEU C 205 -1.07 37.17 -19.49
N TYR C 206 -0.14 36.97 -20.41
CA TYR C 206 0.90 37.94 -20.69
C TYR C 206 0.87 38.12 -22.19
N ILE C 207 0.57 39.35 -22.60
CA ILE C 207 0.47 39.67 -24.01
C ILE C 207 1.46 40.75 -24.44
N GLN C 208 2.32 40.39 -25.40
CA GLN C 208 3.33 41.28 -25.95
C GLN C 208 2.69 42.65 -26.22
N LYS C 209 3.36 43.71 -25.77
CA LYS C 209 2.85 45.08 -25.89
C LYS C 209 2.37 45.55 -27.26
N GLN C 210 2.93 45.02 -28.34
CA GLN C 210 2.50 45.44 -29.67
C GLN C 210 1.05 45.05 -29.98
N PHE C 211 0.48 44.17 -29.17
CA PHE C 211 -0.91 43.75 -29.38
C PHE C 211 -1.76 44.26 -28.24
N PRO C 212 -2.33 45.47 -28.38
CA PRO C 212 -3.16 46.03 -27.32
C PRO C 212 -4.32 45.11 -26.91
N ILE C 213 -4.55 45.02 -25.61
CA ILE C 213 -5.59 44.18 -25.04
C ILE C 213 -6.92 44.93 -24.98
N LEU C 214 -7.97 44.31 -25.52
CA LEU C 214 -9.29 44.93 -25.52
C LEU C 214 -9.80 45.19 -24.10
N LEU C 215 -10.37 46.38 -23.90
CA LEU C 215 -10.89 46.81 -22.61
C LEU C 215 -11.86 45.83 -21.94
N ASP C 216 -12.85 45.37 -22.68
CA ASP C 216 -13.83 44.45 -22.13
C ASP C 216 -13.18 43.17 -21.59
N PHE C 217 -12.18 42.67 -22.29
CA PHE C 217 -11.49 41.47 -21.85
C PHE C 217 -10.67 41.78 -20.61
N LYS C 218 -9.90 42.86 -20.68
CA LYS C 218 -9.04 43.29 -19.59
C LYS C 218 -9.83 43.38 -18.27
N THR C 219 -11.03 43.95 -18.33
CA THR C 219 -11.86 44.12 -17.15
C THR C 219 -12.63 42.87 -16.72
N LYS C 220 -13.05 42.04 -17.69
CA LYS C 220 -13.78 40.81 -17.34
C LYS C 220 -12.86 39.80 -16.66
N VAL C 221 -11.65 39.64 -17.20
CA VAL C 221 -10.70 38.70 -16.62
C VAL C 221 -10.50 39.06 -15.14
N ARG C 222 -10.33 40.35 -14.89
CA ARG C 222 -10.11 40.89 -13.56
C ARG C 222 -11.30 40.65 -12.62
N GLU C 223 -12.51 40.91 -13.11
CA GLU C 223 -13.72 40.76 -12.32
C GLU C 223 -14.10 39.32 -11.94
N TYR C 224 -14.05 38.41 -12.91
CA TYR C 224 -14.45 37.02 -12.67
C TYR C 224 -13.37 36.05 -12.22
N TYR C 225 -12.11 36.39 -12.44
CA TYR C 225 -11.05 35.47 -12.06
C TYR C 225 -10.01 36.04 -11.12
N PHE C 226 -10.17 37.30 -10.72
CA PHE C 226 -9.20 37.93 -9.82
C PHE C 226 -7.83 37.77 -10.45
N ALA C 227 -7.78 37.80 -11.78
CA ALA C 227 -6.53 37.64 -12.51
C ALA C 227 -6.31 38.83 -13.44
N GLU C 228 -5.18 38.87 -14.12
CA GLU C 228 -4.91 39.96 -15.02
C GLU C 228 -4.41 39.51 -16.38
N ALA C 229 -4.79 40.26 -17.40
CA ALA C 229 -4.31 40.03 -18.76
C ALA C 229 -3.24 41.13 -18.77
N GLN C 230 -1.99 40.74 -18.59
CA GLN C 230 -0.88 41.69 -18.50
C GLN C 230 -0.16 42.06 -19.79
N ILE C 231 0.25 43.32 -19.87
CA ILE C 231 1.01 43.80 -21.02
C ILE C 231 2.42 43.28 -20.78
N ALA C 232 3.09 42.82 -21.83
CA ALA C 232 4.44 42.30 -21.64
C ALA C 232 5.40 42.67 -22.75
N ASP C 233 6.69 42.47 -22.48
CA ASP C 233 7.73 42.69 -23.47
C ASP C 233 8.76 41.58 -23.23
N PHE C 234 8.49 40.42 -23.83
CA PHE C 234 9.36 39.26 -23.68
C PHE C 234 10.76 39.42 -24.25
N SER C 235 10.95 40.38 -25.15
CA SER C 235 12.26 40.62 -25.73
C SER C 235 13.11 41.53 -24.86
N ASP C 236 12.56 41.98 -23.74
CA ASP C 236 13.29 42.86 -22.84
C ASP C 236 13.63 42.19 -21.52
N PRO C 237 14.89 41.80 -21.33
CA PRO C 237 15.34 41.14 -20.11
C PRO C 237 15.06 41.89 -18.82
N ALA C 238 14.93 43.21 -18.91
CA ALA C 238 14.62 44.03 -17.73
C ALA C 238 13.17 43.81 -17.32
N PHE C 239 12.32 43.52 -18.30
CA PHE C 239 10.91 43.27 -18.02
C PHE C 239 10.78 41.95 -17.28
N ILE C 240 11.50 40.94 -17.77
CA ILE C 240 11.47 39.61 -17.16
C ILE C 240 11.91 39.68 -15.70
N SER C 241 13.02 40.39 -15.46
CA SER C 241 13.55 40.53 -14.12
C SER C 241 12.63 41.27 -13.17
N LYS C 242 12.10 42.40 -13.60
CA LYS C 242 11.22 43.17 -12.73
C LYS C 242 9.97 42.36 -12.44
N THR C 243 9.44 41.71 -13.47
CA THR C 243 8.24 40.91 -13.29
C THR C 243 8.48 39.72 -12.36
N ASN C 244 9.52 38.93 -12.63
CA ASN C 244 9.80 37.79 -11.77
C ASN C 244 9.97 38.26 -10.34
N ASN C 245 10.62 39.41 -10.20
CA ASN C 245 10.86 39.97 -8.89
C ASN C 245 9.59 40.41 -8.19
N HIS C 246 8.68 41.03 -8.94
CA HIS C 246 7.43 41.50 -8.37
C HIS C 246 6.55 40.33 -7.94
N ILE C 247 6.55 39.27 -8.74
CA ILE C 247 5.74 38.09 -8.42
C ILE C 247 6.27 37.44 -7.14
N MET C 248 7.59 37.46 -6.97
CA MET C 248 8.22 36.90 -5.78
C MET C 248 7.72 37.63 -4.54
N LYS C 249 7.70 38.96 -4.60
CA LYS C 249 7.25 39.77 -3.49
C LYS C 249 5.78 39.55 -3.19
N LEU C 250 4.96 39.51 -4.24
CA LEU C 250 3.53 39.30 -4.05
C LEU C 250 3.23 37.92 -3.46
N THR C 251 3.98 36.92 -3.89
CA THR C 251 3.77 35.55 -3.39
C THR C 251 4.69 35.26 -2.21
N LYS C 252 5.15 36.32 -1.56
CA LYS C 252 6.03 36.20 -0.41
C LYS C 252 7.19 35.22 -0.56
N GLY C 253 7.81 35.24 -1.73
CA GLY C 253 8.95 34.37 -1.98
C GLY C 253 8.66 32.93 -2.39
N LEU C 254 7.39 32.56 -2.46
CA LEU C 254 7.03 31.19 -2.83
C LEU C 254 7.14 30.87 -4.31
N ILE C 255 6.69 31.80 -5.16
CA ILE C 255 6.75 31.57 -6.61
C ILE C 255 7.84 32.42 -7.25
N LYS C 256 8.91 31.76 -7.68
CA LYS C 256 10.05 32.45 -8.29
C LYS C 256 10.37 32.04 -9.72
N ASP C 257 11.05 32.93 -10.44
CA ASP C 257 11.44 32.68 -11.83
C ASP C 257 10.22 32.40 -12.69
N ALA C 258 9.10 33.03 -12.37
CA ALA C 258 7.86 32.83 -13.11
C ALA C 258 7.98 32.96 -14.63
N LEU C 259 8.72 33.97 -15.10
CA LEU C 259 8.87 34.18 -16.53
C LEU C 259 10.21 33.82 -17.14
N GLU C 260 10.98 32.97 -16.48
CA GLU C 260 12.28 32.57 -17.01
C GLU C 260 12.19 31.75 -18.29
N ASN C 261 13.28 31.73 -19.05
CA ASN C 261 13.39 30.98 -20.29
C ASN C 261 12.19 30.94 -21.20
N ILE C 262 11.77 32.11 -21.68
CA ILE C 262 10.63 32.19 -22.59
C ILE C 262 11.11 32.83 -23.87
N ASP C 263 10.72 32.25 -25.00
CA ASP C 263 11.11 32.78 -26.30
C ASP C 263 10.82 34.27 -26.35
N PRO C 264 11.85 35.09 -26.64
CA PRO C 264 11.69 36.54 -26.71
C PRO C 264 10.70 37.01 -27.79
N ALA C 265 10.35 36.11 -28.70
CA ALA C 265 9.42 36.44 -29.78
C ALA C 265 8.00 36.01 -29.45
N THR C 266 7.78 35.56 -28.22
CA THR C 266 6.45 35.13 -27.78
C THR C 266 5.46 36.29 -27.92
N GLN C 267 4.27 36.00 -28.41
CA GLN C 267 3.25 37.03 -28.57
C GLN C 267 2.27 36.97 -27.41
N MET C 268 2.03 35.78 -26.91
CA MET C 268 1.10 35.59 -25.80
C MET C 268 1.28 34.24 -25.14
N MET C 269 1.13 34.22 -23.83
CA MET C 269 1.25 32.98 -23.09
C MET C 269 0.47 33.00 -21.79
N ILE C 270 0.13 31.81 -21.32
CA ILE C 270 -0.60 31.67 -20.08
C ILE C 270 0.41 31.30 -19.00
N LEU C 271 0.34 32.00 -17.88
CA LEU C 271 1.25 31.74 -16.78
C LEU C 271 0.44 31.24 -15.59
N ASN C 272 0.67 29.98 -15.22
CA ASN C 272 -0.02 29.36 -14.09
C ASN C 272 1.01 28.68 -13.17
N CYS C 273 1.29 29.30 -12.03
CA CYS C 273 2.23 28.77 -11.07
C CYS C 273 1.51 28.61 -9.73
N ILE C 274 1.73 27.48 -9.07
CA ILE C 274 1.09 27.21 -7.78
C ILE C 274 2.07 26.60 -6.81
N TYR C 275 1.90 26.95 -5.54
CA TYR C 275 2.75 26.43 -4.48
C TYR C 275 1.80 25.93 -3.42
N PHE C 276 1.99 24.70 -2.96
CA PHE C 276 1.12 24.16 -1.93
C PHE C 276 1.89 23.44 -0.83
N LYS C 277 1.37 23.59 0.39
CA LYS C 277 1.95 22.93 1.54
C LYS C 277 0.87 22.88 2.62
N GLY C 278 0.39 21.68 2.90
CA GLY C 278 -0.65 21.54 3.91
C GLY C 278 -0.10 21.12 5.26
N SER C 279 -0.98 21.11 6.26
CA SER C 279 -0.61 20.70 7.60
C SER C 279 -1.52 19.53 8.00
N TRP C 280 -0.93 18.39 8.34
CA TRP C 280 -1.71 17.20 8.71
C TRP C 280 -2.54 17.38 9.97
N VAL C 281 -3.75 16.83 9.97
CA VAL C 281 -4.60 16.89 11.15
C VAL C 281 -3.90 15.98 12.16
N ASN C 282 -3.53 14.77 11.72
CA ASN C 282 -2.82 13.80 12.57
C ASN C 282 -1.38 13.81 12.07
N LYS C 283 -0.51 14.59 12.72
CA LYS C 283 0.87 14.67 12.28
C LYS C 283 1.64 13.36 12.40
N PHE C 284 2.70 13.24 11.60
CA PHE C 284 3.55 12.06 11.65
C PHE C 284 4.66 12.38 12.64
N PRO C 285 4.73 11.64 13.75
CA PRO C 285 5.80 11.95 14.72
C PRO C 285 7.16 11.77 14.05
N VAL C 286 8.06 12.72 14.27
CA VAL C 286 9.38 12.68 13.64
C VAL C 286 10.28 11.51 14.04
N GLU C 287 10.07 10.93 15.22
CA GLU C 287 10.89 9.81 15.65
C GLU C 287 10.55 8.55 14.84
N MET C 288 9.39 8.56 14.17
CA MET C 288 8.96 7.43 13.38
C MET C 288 9.55 7.45 11.98
N THR C 289 10.08 8.61 11.57
CA THR C 289 10.66 8.75 10.24
C THR C 289 11.97 7.97 10.17
N HIS C 290 11.97 6.96 9.30
CA HIS C 290 13.13 6.09 9.13
C HIS C 290 13.33 5.78 7.66
N ASN C 291 14.51 5.29 7.32
CA ASN C 291 14.77 4.93 5.94
C ASN C 291 14.03 3.64 5.68
N HIS C 292 13.47 3.51 4.48
CA HIS C 292 12.68 2.34 4.13
C HIS C 292 12.85 2.10 2.64
N ASN C 293 12.76 0.85 2.22
CA ASN C 293 12.91 0.54 0.80
C ASN C 293 11.66 0.94 0.02
N PHE C 294 11.86 1.73 -1.04
CA PHE C 294 10.75 2.10 -1.88
C PHE C 294 10.95 1.34 -3.18
N ARG C 295 9.91 0.63 -3.59
CA ARG C 295 9.95 -0.18 -4.80
C ARG C 295 9.66 0.63 -6.06
N LEU C 296 10.69 0.81 -6.89
CA LEU C 296 10.59 1.54 -8.15
C LEU C 296 9.90 0.70 -9.21
N ASN C 297 10.26 -0.58 -9.27
CA ASN C 297 9.68 -1.51 -10.24
C ASN C 297 9.94 -2.94 -9.78
N GLU C 298 9.64 -3.92 -10.63
CA GLU C 298 9.82 -5.32 -10.27
C GLU C 298 11.27 -5.74 -10.09
N ARG C 299 12.21 -4.84 -10.32
CA ARG C 299 13.61 -5.20 -10.19
C ARG C 299 14.45 -4.28 -9.33
N GLU C 300 14.01 -3.05 -9.15
CA GLU C 300 14.78 -2.09 -8.38
C GLU C 300 14.09 -1.54 -7.14
N VAL C 301 14.90 -1.18 -6.16
CA VAL C 301 14.41 -0.59 -4.93
C VAL C 301 15.33 0.58 -4.62
N VAL C 302 14.88 1.50 -3.78
CA VAL C 302 15.67 2.66 -3.39
C VAL C 302 15.28 3.08 -1.99
N LYS C 303 16.27 3.41 -1.16
CA LYS C 303 16.01 3.84 0.21
C LYS C 303 15.48 5.26 0.20
N VAL C 304 14.40 5.50 0.95
CA VAL C 304 13.81 6.83 1.03
C VAL C 304 13.40 7.13 2.48
N SER C 305 13.21 8.41 2.80
CA SER C 305 12.78 8.78 4.15
C SER C 305 11.32 8.41 4.22
N MET C 306 10.98 7.48 5.11
CA MET C 306 9.60 7.05 5.24
C MET C 306 9.01 7.59 6.53
N MET C 307 7.88 8.26 6.44
CA MET C 307 7.22 8.79 7.63
C MET C 307 6.25 7.71 8.08
N GLN C 308 5.98 7.65 9.37
CA GLN C 308 5.04 6.65 9.88
C GLN C 308 4.24 7.19 11.04
N THR C 309 2.99 6.75 11.12
CA THR C 309 2.11 7.18 12.19
C THR C 309 1.00 6.16 12.38
N LYS C 310 0.19 6.37 13.40
CA LYS C 310 -0.92 5.47 13.68
C LYS C 310 -2.12 6.30 14.11
N GLY C 311 -3.28 5.98 13.56
CA GLY C 311 -4.48 6.71 13.90
C GLY C 311 -5.67 6.14 13.15
N ASN C 312 -6.82 6.78 13.27
CA ASN C 312 -8.01 6.32 12.57
C ASN C 312 -8.08 7.02 11.22
N PHE C 313 -7.88 6.25 10.17
CA PHE C 313 -7.90 6.80 8.82
C PHE C 313 -8.89 6.05 7.96
N LEU C 314 -9.46 6.74 6.99
CA LEU C 314 -10.38 6.12 6.06
C LEU C 314 -9.52 5.41 5.04
N ALA C 315 -9.95 4.22 4.62
CA ALA C 315 -9.22 3.44 3.64
C ALA C 315 -10.16 2.44 3.02
N ALA C 316 -9.78 1.93 1.85
CA ALA C 316 -10.60 0.96 1.16
C ALA C 316 -9.76 0.12 0.20
N ASN C 317 -10.27 -1.06 -0.12
CA ASN C 317 -9.60 -1.95 -1.06
C ASN C 317 -10.52 -2.07 -2.26
N ASP C 318 -10.06 -1.61 -3.41
CA ASP C 318 -10.87 -1.66 -4.62
C ASP C 318 -10.54 -2.89 -5.47
N GLN C 319 -11.50 -3.80 -5.56
CA GLN C 319 -11.31 -5.02 -6.34
C GLN C 319 -11.46 -4.78 -7.83
N GLU C 320 -12.30 -3.83 -8.22
CA GLU C 320 -12.51 -3.53 -9.64
C GLU C 320 -11.24 -3.03 -10.31
N LEU C 321 -10.58 -2.05 -9.70
CA LEU C 321 -9.36 -1.51 -10.28
C LEU C 321 -8.12 -2.09 -9.62
N ASP C 322 -8.33 -3.08 -8.75
CA ASP C 322 -7.24 -3.78 -8.07
C ASP C 322 -6.24 -2.84 -7.40
N CYS C 323 -6.72 -2.01 -6.48
CA CYS C 323 -5.85 -1.07 -5.78
C CYS C 323 -6.32 -0.74 -4.37
N ASP C 324 -5.42 -0.15 -3.60
CA ASP C 324 -5.74 0.24 -2.24
C ASP C 324 -5.81 1.76 -2.19
N ILE C 325 -6.78 2.28 -1.45
CA ILE C 325 -6.95 3.72 -1.36
C ILE C 325 -6.96 4.18 0.11
N LEU C 326 -6.21 5.25 0.39
CA LEU C 326 -6.14 5.80 1.75
C LEU C 326 -6.42 7.29 1.71
N GLN C 327 -7.09 7.80 2.74
CA GLN C 327 -7.38 9.22 2.79
C GLN C 327 -6.70 9.85 3.99
N LEU C 328 -5.94 10.91 3.73
CA LEU C 328 -5.22 11.65 4.77
C LEU C 328 -5.76 13.07 4.84
N GLU C 329 -6.21 13.46 6.02
CA GLU C 329 -6.78 14.78 6.26
C GLU C 329 -5.77 15.89 6.56
N TYR C 330 -5.97 17.03 5.92
CA TYR C 330 -5.14 18.23 6.11
C TYR C 330 -6.01 19.23 6.86
N VAL C 331 -5.37 20.13 7.61
CA VAL C 331 -6.10 21.17 8.33
C VAL C 331 -6.71 22.10 7.29
N GLY C 332 -7.96 22.49 7.48
CA GLY C 332 -8.60 23.40 6.53
C GLY C 332 -9.60 22.80 5.57
N GLY C 333 -10.07 21.59 5.83
CA GLY C 333 -11.07 21.00 4.95
C GLY C 333 -10.59 20.42 3.63
N ILE C 334 -9.32 20.06 3.54
CA ILE C 334 -8.81 19.45 2.33
C ILE C 334 -8.14 18.13 2.70
N SER C 335 -8.15 17.17 1.78
CA SER C 335 -7.56 15.87 2.07
C SER C 335 -6.81 15.30 0.88
N MET C 336 -5.85 14.44 1.18
CA MET C 336 -5.06 13.78 0.15
C MET C 336 -5.57 12.35 0.03
N LEU C 337 -5.85 11.94 -1.20
CA LEU C 337 -6.32 10.58 -1.44
C LEU C 337 -5.16 9.84 -2.09
N ILE C 338 -4.68 8.80 -1.42
CA ILE C 338 -3.56 8.04 -1.94
C ILE C 338 -4.04 6.73 -2.56
N VAL C 339 -3.66 6.50 -3.81
CA VAL C 339 -4.06 5.29 -4.52
C VAL C 339 -2.84 4.47 -4.92
N VAL C 340 -2.77 3.23 -4.43
CA VAL C 340 -1.66 2.34 -4.74
C VAL C 340 -2.17 1.07 -5.38
N PRO C 341 -1.80 0.81 -6.64
CA PRO C 341 -2.26 -0.41 -7.30
C PRO C 341 -1.64 -1.65 -6.63
N HIS C 342 -2.39 -2.75 -6.61
CA HIS C 342 -1.90 -3.98 -6.00
C HIS C 342 -0.65 -4.48 -6.72
N LYS C 343 -0.69 -4.42 -8.04
CA LYS C 343 0.42 -4.86 -8.88
C LYS C 343 1.07 -3.63 -9.50
N MET C 344 2.40 -3.61 -9.54
CA MET C 344 3.10 -2.48 -10.13
C MET C 344 2.78 -2.33 -11.61
N SER C 345 2.42 -3.44 -12.25
CA SER C 345 2.06 -3.41 -13.66
C SER C 345 0.61 -2.94 -13.77
N GLY C 346 0.00 -2.67 -12.63
CA GLY C 346 -1.38 -2.22 -12.63
C GLY C 346 -1.56 -0.71 -12.61
N MET C 347 -0.47 0.05 -12.75
CA MET C 347 -0.56 1.50 -12.75
C MET C 347 -1.21 2.03 -14.03
N LYS C 348 -0.78 1.53 -15.17
CA LYS C 348 -1.33 1.97 -16.44
C LYS C 348 -2.84 1.82 -16.53
N THR C 349 -3.39 0.72 -16.02
CA THR C 349 -4.83 0.51 -16.09
C THR C 349 -5.56 1.40 -15.09
N LEU C 350 -4.89 1.69 -13.98
CA LEU C 350 -5.47 2.56 -12.97
C LEU C 350 -5.61 3.96 -13.60
N GLU C 351 -4.51 4.48 -14.14
CA GLU C 351 -4.51 5.78 -14.78
C GLU C 351 -5.52 5.83 -15.92
N ALA C 352 -5.65 4.72 -16.63
CA ALA C 352 -6.56 4.63 -17.77
C ALA C 352 -8.05 4.67 -17.43
N GLN C 353 -8.41 4.27 -16.22
CA GLN C 353 -9.82 4.24 -15.84
C GLN C 353 -10.23 5.23 -14.75
N LEU C 354 -9.32 6.09 -14.35
CA LEU C 354 -9.64 7.06 -13.32
C LEU C 354 -10.68 8.08 -13.85
N THR C 355 -11.80 8.20 -13.15
CA THR C 355 -12.86 9.12 -13.52
C THR C 355 -13.54 9.59 -12.25
N PRO C 356 -14.38 10.63 -12.34
CA PRO C 356 -15.06 11.12 -11.13
C PRO C 356 -15.94 10.05 -10.51
N ARG C 357 -16.55 9.21 -11.34
CA ARG C 357 -17.40 8.13 -10.86
C ARG C 357 -16.60 7.14 -10.01
N VAL C 358 -15.40 6.80 -10.48
CA VAL C 358 -14.53 5.89 -9.74
C VAL C 358 -14.20 6.48 -8.37
N VAL C 359 -13.82 7.75 -8.35
CA VAL C 359 -13.48 8.42 -7.10
C VAL C 359 -14.65 8.45 -6.11
N GLU C 360 -15.86 8.68 -6.61
CA GLU C 360 -17.01 8.70 -5.71
C GLU C 360 -17.28 7.29 -5.18
N ARG C 361 -17.08 6.29 -6.02
CA ARG C 361 -17.26 4.90 -5.62
C ARG C 361 -16.25 4.60 -4.50
N TRP C 362 -15.00 5.02 -4.67
CA TRP C 362 -13.98 4.78 -3.64
C TRP C 362 -14.34 5.48 -2.34
N GLN C 363 -14.75 6.73 -2.45
CA GLN C 363 -15.11 7.51 -1.28
C GLN C 363 -16.21 6.87 -0.44
N LYS C 364 -17.26 6.37 -1.08
CA LYS C 364 -18.33 5.75 -0.34
C LYS C 364 -17.92 4.41 0.28
N SER C 365 -17.01 3.70 -0.38
CA SER C 365 -16.57 2.40 0.12
C SER C 365 -15.54 2.42 1.24
N MET C 366 -15.01 3.58 1.57
CA MET C 366 -14.00 3.63 2.64
C MET C 366 -14.60 3.52 4.03
N THR C 367 -13.84 2.93 4.93
CA THR C 367 -14.25 2.76 6.31
C THR C 367 -13.15 3.26 7.23
N ASN C 368 -13.56 3.83 8.36
CA ASN C 368 -12.62 4.38 9.33
C ASN C 368 -12.15 3.28 10.28
N ARG C 369 -10.84 3.15 10.43
CA ARG C 369 -10.26 2.14 11.30
C ARG C 369 -8.86 2.54 11.74
N THR C 370 -8.49 2.17 12.95
CA THR C 370 -7.15 2.50 13.43
C THR C 370 -6.16 1.68 12.62
N ARG C 371 -5.15 2.35 12.08
CA ARG C 371 -4.15 1.67 11.28
C ARG C 371 -2.87 2.45 11.28
N GLU C 372 -1.79 1.78 10.91
CA GLU C 372 -0.49 2.41 10.82
C GLU C 372 -0.32 2.79 9.38
N VAL C 373 0.24 3.98 9.16
CA VAL C 373 0.47 4.47 7.81
C VAL C 373 1.94 4.76 7.56
N LEU C 374 2.42 4.32 6.41
CA LEU C 374 3.80 4.55 6.01
C LEU C 374 3.71 5.36 4.71
N LEU C 375 4.13 6.61 4.77
CA LEU C 375 4.10 7.50 3.62
C LEU C 375 5.46 8.16 3.45
N PRO C 376 6.05 8.07 2.25
CA PRO C 376 7.36 8.70 2.08
C PRO C 376 7.18 10.20 1.96
N LYS C 377 8.12 10.96 2.51
CA LYS C 377 8.04 12.39 2.39
C LYS C 377 8.61 12.65 1.00
N PHE C 378 8.16 13.72 0.36
CA PHE C 378 8.65 14.03 -0.97
C PHE C 378 8.34 15.47 -1.34
N LYS C 379 8.93 15.92 -2.44
CA LYS C 379 8.70 17.27 -2.92
C LYS C 379 8.73 17.25 -4.43
N LEU C 380 7.60 17.61 -5.04
CA LEU C 380 7.52 17.66 -6.49
C LEU C 380 7.52 19.10 -6.97
N GLU C 381 8.26 19.35 -8.04
CA GLU C 381 8.35 20.68 -8.64
C GLU C 381 8.37 20.45 -10.14
N LYS C 382 7.25 20.74 -10.80
CA LYS C 382 7.19 20.54 -12.22
C LYS C 382 6.97 21.83 -12.97
N ASN C 383 7.29 21.80 -14.25
CA ASN C 383 7.16 22.96 -15.12
C ASN C 383 6.79 22.43 -16.49
N TYR C 384 5.51 22.42 -16.80
CA TYR C 384 5.04 21.92 -18.09
C TYR C 384 4.53 23.02 -19.01
N ASN C 385 4.46 22.70 -20.30
CA ASN C 385 3.89 23.57 -21.32
C ASN C 385 2.75 22.69 -21.79
N LEU C 386 1.53 23.01 -21.37
CA LEU C 386 0.37 22.19 -21.72
C LEU C 386 -0.17 22.30 -23.13
N VAL C 387 0.37 23.21 -23.94
CA VAL C 387 -0.15 23.39 -25.30
C VAL C 387 -0.30 22.08 -26.09
N GLU C 388 0.80 21.35 -26.24
CA GLU C 388 0.77 20.09 -26.98
C GLU C 388 -0.30 19.15 -26.45
N SER C 389 -0.37 18.99 -25.13
CA SER C 389 -1.38 18.12 -24.52
C SER C 389 -2.79 18.56 -24.85
N LEU C 390 -3.05 19.86 -24.71
CA LEU C 390 -4.38 20.40 -24.99
C LEU C 390 -4.76 20.20 -26.46
N LYS C 391 -3.79 20.31 -27.35
CA LYS C 391 -4.06 20.09 -28.78
C LYS C 391 -4.54 18.65 -28.99
N LEU C 392 -3.82 17.71 -28.38
CA LEU C 392 -4.18 16.29 -28.49
C LEU C 392 -5.58 16.02 -27.95
N MET C 393 -6.05 16.85 -27.02
CA MET C 393 -7.38 16.66 -26.47
C MET C 393 -8.43 17.21 -27.41
N GLY C 394 -7.99 17.98 -28.40
CA GLY C 394 -8.94 18.54 -29.35
C GLY C 394 -9.01 20.06 -29.40
N ILE C 395 -8.30 20.73 -28.49
CA ILE C 395 -8.30 22.18 -28.49
C ILE C 395 -7.17 22.62 -29.41
N ARG C 396 -7.51 22.92 -30.67
CA ARG C 396 -6.49 23.30 -31.64
C ARG C 396 -6.58 24.72 -32.19
N MET C 397 -7.79 25.18 -32.53
CA MET C 397 -7.95 26.52 -33.08
C MET C 397 -7.31 27.57 -32.16
N LEU C 398 -7.48 27.41 -30.86
CA LEU C 398 -6.91 28.35 -29.90
C LEU C 398 -5.41 28.51 -30.07
N PHE C 399 -4.72 27.45 -30.48
CA PHE C 399 -3.27 27.54 -30.64
C PHE C 399 -2.80 27.69 -32.07
N ASP C 400 -3.71 28.16 -32.93
CA ASP C 400 -3.39 28.39 -34.33
C ASP C 400 -3.63 29.88 -34.55
N LYS C 401 -2.68 30.57 -35.22
CA LYS C 401 -2.85 32.00 -35.48
C LYS C 401 -4.20 32.34 -36.11
N ASN C 402 -4.70 31.42 -36.94
CA ASN C 402 -5.98 31.60 -37.60
C ASN C 402 -7.17 31.35 -36.68
N GLY C 403 -6.89 31.01 -35.43
CA GLY C 403 -7.96 30.78 -34.48
C GLY C 403 -8.61 32.12 -34.18
N ASN C 404 -9.85 32.12 -33.70
CA ASN C 404 -10.54 33.37 -33.42
C ASN C 404 -10.48 33.84 -31.97
N MET C 405 -9.66 34.87 -31.74
CA MET C 405 -9.50 35.45 -30.41
C MET C 405 -9.85 36.93 -30.48
N ALA C 406 -10.86 37.24 -31.28
CA ALA C 406 -11.31 38.61 -31.49
C ALA C 406 -11.64 39.34 -30.20
N GLY C 407 -12.02 38.59 -29.16
CA GLY C 407 -12.36 39.21 -27.90
C GLY C 407 -11.18 39.71 -27.09
N ILE C 408 -9.99 39.18 -27.37
CA ILE C 408 -8.79 39.58 -26.63
C ILE C 408 -8.08 40.76 -27.26
N SER C 409 -7.88 40.71 -28.57
CA SER C 409 -7.21 41.79 -29.27
C SER C 409 -7.74 41.93 -30.70
N ASP C 410 -7.61 43.13 -31.25
CA ASP C 410 -8.06 43.35 -32.62
C ASP C 410 -6.99 42.83 -33.58
N GLN C 411 -5.83 42.51 -33.02
CA GLN C 411 -4.71 41.99 -33.79
C GLN C 411 -4.74 40.47 -33.69
N ARG C 412 -4.05 39.79 -34.60
CA ARG C 412 -4.00 38.33 -34.56
C ARG C 412 -2.85 37.90 -33.66
N ILE C 413 -3.18 37.21 -32.57
CA ILE C 413 -2.16 36.75 -31.63
C ILE C 413 -1.98 35.24 -31.66
N ALA C 414 -0.73 34.81 -31.56
CA ALA C 414 -0.41 33.38 -31.56
C ALA C 414 0.05 32.95 -30.17
N ILE C 415 -0.67 32.00 -29.58
CA ILE C 415 -0.33 31.48 -28.26
C ILE C 415 0.34 30.11 -28.40
N ASP C 416 1.60 30.02 -27.99
CA ASP C 416 2.35 28.77 -28.08
C ASP C 416 2.76 28.22 -26.72
N LEU C 417 2.58 29.02 -25.68
CA LEU C 417 2.98 28.58 -24.34
C LEU C 417 1.95 28.68 -23.25
N PHE C 418 1.66 27.55 -22.62
CA PHE C 418 0.74 27.51 -21.50
C PHE C 418 1.59 26.90 -20.40
N LYS C 419 2.25 27.77 -19.64
CA LYS C 419 3.10 27.31 -18.57
C LYS C 419 2.27 26.91 -17.35
N HIS C 420 2.49 25.69 -16.87
CA HIS C 420 1.79 25.17 -15.70
C HIS C 420 2.90 24.63 -14.81
N GLN C 421 3.21 25.38 -13.76
CA GLN C 421 4.29 25.04 -12.85
C GLN C 421 3.82 24.92 -11.41
N GLY C 422 3.75 23.67 -10.91
CA GLY C 422 3.31 23.46 -9.55
C GLY C 422 4.36 22.89 -8.62
N THR C 423 4.27 23.27 -7.36
CA THR C 423 5.21 22.78 -6.36
C THR C 423 4.43 22.32 -5.14
N ILE C 424 4.79 21.14 -4.63
CA ILE C 424 4.16 20.61 -3.44
C ILE C 424 5.21 19.97 -2.54
N THR C 425 5.09 20.23 -1.24
CA THR C 425 6.00 19.67 -0.27
C THR C 425 5.21 18.82 0.70
N VAL C 426 5.65 17.59 0.90
CA VAL C 426 4.98 16.68 1.82
C VAL C 426 5.95 16.19 2.88
N ASN C 427 5.70 16.52 4.14
CA ASN C 427 6.53 16.06 5.23
C ASN C 427 5.67 15.74 6.43
N GLU C 428 6.28 15.51 7.58
CA GLU C 428 5.53 15.14 8.77
C GLU C 428 4.78 16.23 9.53
N GLU C 429 4.95 17.48 9.11
CA GLU C 429 4.29 18.60 9.78
C GLU C 429 2.78 18.52 9.77
N GLY C 430 2.19 18.75 10.93
CA GLY C 430 0.74 18.71 11.08
C GLY C 430 0.38 19.18 12.47
N THR C 431 -0.90 19.43 12.74
CA THR C 431 -1.29 19.89 14.07
C THR C 431 -0.65 19.00 15.12
N GLN C 432 -1.32 17.93 15.55
CA GLN C 432 -0.68 17.10 16.55
C GLN C 432 -1.33 15.83 17.09
N ALA C 433 -0.55 15.20 17.95
CA ALA C 433 -0.87 13.98 18.70
C ALA C 433 -1.56 12.80 18.01
N THR C 434 -2.67 12.40 18.63
CA THR C 434 -3.52 11.26 18.26
C THR C 434 -2.99 10.05 19.03
N THR C 435 -3.18 10.14 20.35
CA THR C 435 -2.79 9.16 21.37
C THR C 435 -1.80 8.07 20.98
N VAL C 436 -0.78 7.90 21.82
CA VAL C 436 0.27 6.90 21.65
C VAL C 436 -0.11 5.67 22.45
N THR C 437 -1.30 5.12 22.18
CA THR C 437 -1.78 3.94 22.89
C THR C 437 -0.81 2.78 22.72
N THR C 438 -1.16 1.67 23.36
CA THR C 438 -0.37 0.44 23.33
C THR C 438 -0.85 -0.30 24.57
N VAL C 439 -1.41 -1.49 24.38
CA VAL C 439 -1.91 -2.24 25.52
C VAL C 439 -1.47 -3.71 25.59
N GLY C 440 -2.44 -4.59 25.90
CA GLY C 440 -2.13 -6.00 26.05
C GLY C 440 -2.42 -6.92 24.89
N PHE C 441 -3.54 -7.64 24.96
CA PHE C 441 -3.89 -8.61 23.93
C PHE C 441 -3.38 -8.24 22.55
N MET C 442 -2.56 -9.13 22.02
CA MET C 442 -1.97 -8.88 20.73
C MET C 442 -1.76 -10.15 19.94
N PRO C 443 -2.63 -10.42 18.97
CA PRO C 443 -2.38 -11.64 18.21
C PRO C 443 -1.04 -11.35 17.53
N LEU C 444 -0.21 -12.38 17.34
CA LEU C 444 1.12 -12.15 16.80
C LEU C 444 1.36 -12.16 15.29
N SER C 445 0.30 -12.06 14.50
CA SER C 445 0.49 -12.02 13.04
C SER C 445 0.85 -10.59 12.67
N THR C 446 1.25 -10.37 11.43
CA THR C 446 1.58 -9.01 10.99
C THR C 446 0.31 -8.17 11.18
N GLN C 447 0.48 -6.91 11.60
CA GLN C 447 -0.66 -6.03 11.84
C GLN C 447 -1.13 -5.25 10.61
N VAL C 448 -2.30 -4.64 10.73
CA VAL C 448 -2.90 -3.86 9.64
C VAL C 448 -2.17 -2.53 9.44
N ARG C 449 -1.53 -2.38 8.28
CA ARG C 449 -0.80 -1.16 7.96
C ARG C 449 -1.04 -0.81 6.51
N PHE C 450 -1.07 0.49 6.22
CA PHE C 450 -1.23 0.92 4.84
C PHE C 450 0.18 1.41 4.50
N THR C 451 0.89 0.62 3.71
CA THR C 451 2.27 0.94 3.35
C THR C 451 2.42 1.47 1.93
N VAL C 452 2.74 2.76 1.81
CA VAL C 452 2.92 3.38 0.51
C VAL C 452 4.41 3.29 0.17
N ASP C 453 4.82 2.11 -0.28
CA ASP C 453 6.22 1.88 -0.61
C ASP C 453 6.40 1.46 -2.07
N ARG C 454 5.42 1.83 -2.90
CA ARG C 454 5.46 1.55 -4.33
C ARG C 454 4.85 2.75 -5.06
N PRO C 455 5.10 2.87 -6.38
CA PRO C 455 4.55 4.00 -7.14
C PRO C 455 3.07 4.19 -6.86
N PHE C 456 2.66 5.43 -6.60
CA PHE C 456 1.28 5.72 -6.28
C PHE C 456 0.79 7.03 -6.89
N LEU C 457 -0.53 7.18 -6.90
CA LEU C 457 -1.16 8.41 -7.40
C LEU C 457 -1.75 9.08 -6.18
N PHE C 458 -1.93 10.40 -6.26
CA PHE C 458 -2.55 11.09 -5.15
C PHE C 458 -3.43 12.21 -5.69
N LEU C 459 -4.58 12.39 -5.05
CA LEU C 459 -5.55 13.39 -5.41
C LEU C 459 -5.81 14.25 -4.19
N ILE C 460 -5.76 15.57 -4.36
CA ILE C 460 -6.01 16.47 -3.25
C ILE C 460 -7.30 17.23 -3.55
N TYR C 461 -8.33 16.97 -2.74
CA TYR C 461 -9.66 17.57 -2.90
C TYR C 461 -10.02 18.54 -1.79
N GLU C 462 -10.82 19.54 -2.15
CA GLU C 462 -11.32 20.50 -1.19
C GLU C 462 -12.71 19.94 -0.93
N HIS C 463 -12.92 19.44 0.28
CA HIS C 463 -14.18 18.79 0.64
C HIS C 463 -15.49 19.51 0.36
N ARG C 464 -15.64 20.74 0.82
CA ARG C 464 -16.89 21.46 0.61
C ARG C 464 -17.32 21.62 -0.85
N THR C 465 -16.38 21.95 -1.73
CA THR C 465 -16.69 22.14 -3.14
C THR C 465 -16.39 20.94 -4.03
N SER C 466 -15.75 19.91 -3.47
CA SER C 466 -15.38 18.72 -4.23
C SER C 466 -14.41 19.13 -5.32
N CYS C 467 -13.61 20.14 -5.04
CA CYS C 467 -12.66 20.65 -6.01
C CYS C 467 -11.34 19.89 -6.07
N LEU C 468 -10.99 19.41 -7.25
CA LEU C 468 -9.73 18.71 -7.42
C LEU C 468 -8.63 19.74 -7.55
N LEU C 469 -7.98 20.04 -6.43
CA LEU C 469 -6.89 21.01 -6.38
C LEU C 469 -5.64 20.50 -7.07
N PHE C 470 -5.19 19.31 -6.66
CA PHE C 470 -3.98 18.73 -7.23
C PHE C 470 -4.10 17.25 -7.54
N MET C 471 -3.26 16.81 -8.45
CA MET C 471 -3.21 15.42 -8.84
C MET C 471 -1.77 15.12 -9.17
N GLY C 472 -1.29 13.96 -8.75
CA GLY C 472 0.08 13.61 -9.06
C GLY C 472 0.38 12.14 -9.03
N ARG C 473 1.58 11.80 -9.47
CA ARG C 473 2.05 10.44 -9.48
C ARG C 473 3.45 10.47 -8.91
N VAL C 474 3.68 9.67 -7.87
CA VAL C 474 5.01 9.59 -7.28
C VAL C 474 5.56 8.23 -7.69
N ALA C 475 6.46 8.25 -8.67
CA ALA C 475 7.09 7.04 -9.15
C ALA C 475 8.40 6.84 -8.40
N ASN C 476 8.91 7.93 -7.85
CA ASN C 476 10.18 7.89 -7.12
C ASN C 476 10.29 9.09 -6.17
N PRO C 477 9.98 8.90 -4.89
CA PRO C 477 10.05 10.00 -3.92
C PRO C 477 11.43 10.63 -3.69
N SER C 478 12.48 10.03 -4.24
CA SER C 478 13.82 10.58 -4.05
C SER C 478 14.13 11.67 -5.09
N ARG C 479 13.29 11.76 -6.11
CA ARG C 479 13.45 12.76 -7.16
C ARG C 479 12.29 13.75 -7.05
N SER C 480 12.40 14.90 -7.71
CA SER C 480 11.32 15.87 -7.66
C SER C 480 10.40 15.79 -8.88
C1 NAG D . -15.17 -13.31 4.33
C2 NAG D . -16.21 -12.69 5.27
C3 NAG D . -17.54 -13.45 5.09
C4 NAG D . -17.53 -14.17 3.73
C5 NAG D . -16.41 -15.27 3.76
C6 NAG D . -15.99 -15.72 2.37
C7 NAG D . -16.28 -13.63 7.52
C8 NAG D . -17.04 -13.04 8.70
N2 NAG D . -15.73 -12.78 6.65
O3 NAG D . -18.63 -12.55 5.16
O4 NAG D . -18.86 -14.66 3.38
O5 NAG D . -15.22 -14.75 4.39
O6 NAG D . -15.05 -16.78 2.45
O7 NAG D . -16.18 -14.85 7.39
C1 NAG D . -19.20 -16.01 3.27
C2 NAG D . -20.70 -16.15 2.97
C3 NAG D . -21.05 -17.63 2.90
C4 NAG D . -20.22 -18.29 1.79
C5 NAG D . -18.72 -17.99 1.97
C6 NAG D . -17.93 -18.40 0.74
C7 NAG D . -22.51 -14.67 3.56
C8 NAG D . -23.58 -15.23 2.62
N2 NAG D . -21.53 -15.48 3.96
O3 NAG D . -22.43 -17.79 2.63
O4 NAG D . -20.44 -19.70 1.82
O5 NAG D . -18.48 -16.57 2.16
O6 NAG D . -16.55 -18.52 1.03
O7 NAG D . -22.60 -13.49 3.93
NA NA E . 8.48 -14.43 29.47
C1 MPD F . -0.35 -28.16 31.36
C2 MPD F . 0.45 -27.37 30.31
O2 MPD F . 1.73 -27.09 30.92
CM MPD F . 0.63 -28.17 29.06
C3 MPD F . -0.27 -26.06 29.92
C4 MPD F . 0.28 -24.72 30.42
O4 MPD F . 1.59 -24.48 29.98
C5 MPD F . -0.59 -23.58 29.94
C1 MPD G . -16.20 -34.18 13.68
C2 MPD G . -14.84 -34.28 14.35
O2 MPD G . -15.09 -34.70 15.72
CM MPD G . -13.94 -35.26 13.67
C3 MPD G . -14.10 -32.94 14.36
C4 MPD G . -14.01 -32.16 15.64
O4 MPD G . -13.33 -32.90 16.64
C5 MPD G . -13.25 -30.87 15.40
C1 NAG H . -28.65 20.88 -23.47
C2 NAG H . -29.56 19.98 -24.30
C3 NAG H . -30.71 20.87 -24.78
C4 NAG H . -31.45 21.42 -23.55
C5 NAG H . -30.49 22.11 -22.55
C6 NAG H . -31.17 22.39 -21.22
C7 NAG H . -28.52 18.10 -25.41
C8 NAG H . -29.50 17.15 -26.07
N2 NAG H . -28.83 19.40 -25.43
O3 NAG H . -31.59 20.12 -25.59
O4 NAG H . -32.42 22.36 -23.97
O5 NAG H . -29.35 21.27 -22.28
O6 NAG H . -30.26 22.98 -20.29
O7 NAG H . -27.49 17.66 -24.89
C1 NAG I . -13.41 8.06 12.18
C2 NAG I . -13.82 8.94 10.96
C3 NAG I . -12.65 9.82 10.51
C4 NAG I . -12.19 10.66 11.69
C5 NAG I . -11.79 9.74 12.86
C6 NAG I . -11.38 10.52 14.09
C7 NAG I . -15.48 8.40 9.30
C8 NAG I . -16.52 7.30 9.27
N2 NAG I . -14.30 8.13 9.85
O3 NAG I . -13.07 10.66 9.45
O4 NAG I . -11.07 11.46 11.30
O5 NAG I . -12.92 8.91 13.25
O6 NAG I . -12.10 11.75 14.20
O7 NAG I . -15.75 9.51 8.82
C1 MPD J . 8.12 9.36 -25.98
C2 MPD J . 8.23 8.79 -24.58
O2 MPD J . 7.03 9.19 -23.90
CM MPD J . 8.34 7.31 -24.61
C3 MPD J . 9.41 9.35 -23.73
C4 MPD J . 9.93 10.76 -24.02
O4 MPD J . 8.91 11.72 -23.84
C5 MPD J . 11.07 11.13 -23.10
C1 MPD K . 8.67 17.81 -21.47
C2 MPD K . 7.23 17.74 -21.00
O2 MPD K . 6.72 16.47 -21.46
CM MPD K . 7.14 17.81 -19.53
C3 MPD K . 6.33 18.86 -21.60
C4 MPD K . 5.89 18.71 -23.06
O4 MPD K . 5.11 17.55 -23.25
C5 MPD K . 5.06 19.87 -23.51
C1 MPD L . -21.71 37.08 -20.88
C2 MPD L . -20.51 36.61 -20.06
O2 MPD L . -21.04 35.84 -18.97
CM MPD L . -19.59 35.76 -20.90
C3 MPD L . -19.68 37.76 -19.45
C4 MPD L . -20.44 38.81 -18.62
O4 MPD L . -21.07 38.24 -17.51
C5 MPD L . -19.51 39.89 -18.11
#